data_5RMI
#
_entry.id   5RMI
#
_cell.length_a   59.113
_cell.length_b   70.211
_cell.length_c   85.247
_cell.angle_alpha   102.750
_cell.angle_beta   95.950
_cell.angle_gamma   112.480
#
_symmetry.space_group_name_H-M   'P 1'
#
loop_
_entity.id
_entity.type
_entity.pdbx_description
1 polymer Helicase
2 non-polymer ~{N}-(1,3-benzodioxol-5-ylmethyl)ethanesulfonamide
3 non-polymer 'ZINC ION'
4 non-polymer 'PHOSPHATE ION'
5 water water
#
_entity_poly.entity_id   1
_entity_poly.type   'polypeptide(L)'
_entity_poly.pdbx_seq_one_letter_code
;AVGACVLCNSQTSLRCGACIRRPFLCCKCCYDHVISTSHKLVLSVNPYVCNAPGCDVTDVTQLYLGGMSYYCKSHKPPIS
FPLCANGQVFGLYKNTCVGSDNVTDFNAIATCDWTNAGDYILANTCTERLKLFAAETLKATEETFKLSYGIATVREVLSD
RELHLSWEVGKPRPPLNRNYVFTGYRVTKNSKVQIGEYTFEKGDYGDAVVYRGTTTYKLNVGDYFVLTSHTVMPLSAPTL
VPQEHYVRITGLYPTLNISDEFSSNVANYQKVGMQKYSTLQGPPGTGKSHFAIGLALYYPSARIVYTACSHAAVDALCEK
ALKYLPIDKCSRIIPARARVECFDKFKVNSTLEQYVFCTVNALPETTADIVVFDEISMATNYDLSVVNARLRAKHYVYIG
DPAQLPAPRTLLTKGTLEPEYFNSVCRLMKTIGPDMFLGTCRRCPAEIVDTVSALVYDNKLKAHKDKSAQCFKMFYKGVI
THDVSSAINRPQIGVVREFLTRNPAWRKAVFISPYNSQNAVASKILGLPTQTVDSSQGSEYDYVIFTQTTETAHSCNVNR
FNVAITRAKVGILCIMSDRDLYDKLQFTSLEIPRRNVATLQ
;
_entity_poly.pdbx_strand_id   A,B
#
# COMPACT_ATOMS: atom_id res chain seq x y z
N ALA A 1 9.42 -8.75 -24.56
CA ALA A 1 9.47 -7.43 -25.19
C ALA A 1 8.35 -7.21 -26.23
N VAL A 2 7.11 -7.52 -25.84
CA VAL A 2 5.97 -7.34 -26.73
C VAL A 2 5.05 -6.30 -26.13
N GLY A 3 4.98 -5.13 -26.77
CA GLY A 3 4.12 -4.07 -26.26
C GLY A 3 3.53 -3.17 -27.32
N ALA A 4 2.89 -2.08 -26.87
CA ALA A 4 2.23 -1.11 -27.75
C ALA A 4 2.98 0.22 -27.84
N CYS A 5 2.91 0.84 -29.03
CA CYS A 5 3.56 2.11 -29.36
C CYS A 5 3.00 3.28 -28.56
N VAL A 6 3.87 4.05 -27.89
CA VAL A 6 3.44 5.22 -27.14
C VAL A 6 2.90 6.34 -28.04
N LEU A 7 3.13 6.29 -29.37
CA LEU A 7 2.66 7.34 -30.28
C LEU A 7 1.42 7.00 -31.09
N CYS A 8 1.31 5.75 -31.59
CA CYS A 8 0.13 5.41 -32.38
C CYS A 8 -0.48 4.05 -31.99
N ASN A 9 -0.08 3.47 -30.83
CA ASN A 9 -0.65 2.25 -30.24
C ASN A 9 -0.34 0.94 -31.00
N SER A 10 0.19 1.06 -32.25
CA SER A 10 0.56 -0.06 -33.11
C SER A 10 1.46 -1.05 -32.38
N GLN A 11 1.06 -2.33 -32.29
CA GLN A 11 1.84 -3.34 -31.60
C GLN A 11 3.28 -3.44 -32.17
N THR A 12 4.29 -3.61 -31.30
CA THR A 12 5.68 -3.66 -31.78
C THR A 12 6.65 -4.38 -30.85
N SER A 13 7.75 -4.87 -31.45
CA SER A 13 8.88 -5.50 -30.80
C SER A 13 9.94 -4.43 -30.38
N LEU A 14 9.84 -3.18 -30.91
CA LEU A 14 10.81 -2.11 -30.69
C LEU A 14 10.53 -1.18 -29.49
N ARG A 15 11.60 -0.87 -28.75
CA ARG A 15 11.66 0.07 -27.62
C ARG A 15 12.87 0.97 -27.86
N CYS A 16 12.78 2.28 -27.53
CA CYS A 16 13.95 3.13 -27.67
C CYS A 16 14.89 2.88 -26.49
N GLY A 17 16.09 2.44 -26.80
CA GLY A 17 17.12 2.14 -25.82
C GLY A 17 17.80 3.37 -25.28
N ALA A 18 17.71 4.51 -26.01
CA ALA A 18 18.31 5.78 -25.54
C ALA A 18 17.35 6.64 -24.67
N CYS A 19 16.04 6.33 -24.72
CA CYS A 19 15.03 6.98 -23.87
C CYS A 19 15.17 6.42 -22.47
N ILE A 20 15.08 7.28 -21.41
CA ILE A 20 15.22 6.83 -20.03
C ILE A 20 14.05 5.90 -19.60
N ARG A 21 12.85 6.09 -20.17
CA ARG A 21 11.71 5.23 -19.86
C ARG A 21 11.60 3.99 -20.80
N ARG A 22 12.37 3.96 -21.93
CA ARG A 22 12.39 2.91 -22.97
C ARG A 22 11.01 2.63 -23.57
N PRO A 23 10.39 3.68 -24.15
CA PRO A 23 9.04 3.50 -24.70
C PRO A 23 8.97 2.55 -25.88
N PHE A 24 7.88 1.80 -25.96
CA PHE A 24 7.63 0.95 -27.10
C PHE A 24 7.28 1.89 -28.29
N LEU A 25 8.00 1.73 -29.41
CA LEU A 25 7.83 2.51 -30.65
C LEU A 25 7.62 1.55 -31.81
N CYS A 26 6.63 1.82 -32.66
CA CYS A 26 6.38 0.97 -33.81
C CYS A 26 7.39 1.25 -34.91
N CYS A 27 7.45 0.38 -35.92
CA CYS A 27 8.37 0.52 -37.06
C CYS A 27 8.38 1.95 -37.68
N LYS A 28 7.21 2.51 -38.04
CA LYS A 28 7.08 3.83 -38.68
C LYS A 28 7.38 5.02 -37.76
N CYS A 29 7.17 4.87 -36.45
CA CYS A 29 7.40 5.94 -35.47
C CYS A 29 8.84 5.90 -34.94
N CYS A 30 9.35 4.70 -34.65
CA CYS A 30 10.71 4.42 -34.21
C CYS A 30 11.72 5.02 -35.19
N TYR A 31 11.44 4.90 -36.50
CA TYR A 31 12.27 5.45 -37.55
C TYR A 31 12.30 6.96 -37.44
N ASP A 32 11.12 7.59 -37.38
CA ASP A 32 10.95 9.04 -37.24
C ASP A 32 11.63 9.61 -35.99
N HIS A 33 11.89 8.76 -34.99
CA HIS A 33 12.58 9.13 -33.76
C HIS A 33 14.12 9.03 -33.93
N VAL A 34 14.63 7.85 -34.34
CA VAL A 34 16.07 7.64 -34.51
C VAL A 34 16.69 8.55 -35.57
N ILE A 35 15.92 8.86 -36.63
CA ILE A 35 16.36 9.70 -37.75
C ILE A 35 16.31 11.23 -37.43
N SER A 36 15.73 11.60 -36.29
CA SER A 36 15.63 13.01 -35.91
C SER A 36 16.30 13.37 -34.59
N THR A 37 16.74 12.38 -33.80
CA THR A 37 17.37 12.64 -32.51
C THR A 37 18.74 11.94 -32.40
N SER A 38 19.51 12.21 -31.33
CA SER A 38 20.74 11.51 -31.02
C SER A 38 20.42 10.05 -30.56
N HIS A 39 19.13 9.68 -30.42
CA HIS A 39 18.75 8.36 -29.95
C HIS A 39 18.83 7.34 -31.08
N LYS A 40 19.80 6.42 -31.01
CA LYS A 40 19.96 5.41 -32.06
C LYS A 40 19.94 3.99 -31.55
N LEU A 41 19.98 3.76 -30.21
CA LEU A 41 19.93 2.39 -29.72
C LEU A 41 18.48 1.97 -29.75
N VAL A 42 18.18 0.89 -30.50
CA VAL A 42 16.84 0.33 -30.61
C VAL A 42 16.87 -1.05 -29.93
N LEU A 43 15.90 -1.33 -29.04
CA LEU A 43 15.82 -2.58 -28.31
C LEU A 43 14.65 -3.41 -28.81
N SER A 44 14.86 -4.73 -28.99
CA SER A 44 13.83 -5.71 -29.42
C SER A 44 13.91 -6.84 -28.33
N VAL A 45 13.87 -8.14 -28.71
CA VAL A 45 14.12 -9.29 -27.81
C VAL A 45 15.59 -9.18 -27.27
N ASN A 46 16.45 -8.79 -28.19
CA ASN A 46 17.88 -8.56 -28.24
C ASN A 46 18.03 -7.11 -28.76
N PRO A 47 19.10 -6.39 -28.38
CA PRO A 47 19.27 -5.03 -28.90
C PRO A 47 19.70 -5.05 -30.37
N TYR A 48 19.50 -3.92 -31.05
CA TYR A 48 19.93 -3.78 -32.43
C TYR A 48 21.33 -3.29 -32.35
N VAL A 49 22.24 -4.26 -32.31
CA VAL A 49 23.67 -4.11 -32.16
C VAL A 49 24.38 -5.08 -33.13
N CYS A 50 25.57 -4.71 -33.64
CA CYS A 50 26.30 -5.58 -34.55
C CYS A 50 26.74 -6.86 -33.86
N ASN A 51 26.22 -7.99 -34.39
CA ASN A 51 26.48 -9.35 -33.91
C ASN A 51 27.91 -9.84 -34.18
N ALA A 52 28.69 -9.11 -34.99
CA ALA A 52 30.06 -9.50 -35.28
C ALA A 52 30.89 -9.31 -34.01
N PRO A 53 31.71 -10.33 -33.66
CA PRO A 53 32.49 -10.25 -32.42
C PRO A 53 33.37 -9.02 -32.24
N GLY A 54 33.26 -8.37 -31.07
CA GLY A 54 34.05 -7.21 -30.73
C GLY A 54 33.71 -5.94 -31.49
N CYS A 55 32.51 -5.89 -32.10
CA CYS A 55 32.10 -4.71 -32.83
C CYS A 55 31.21 -3.81 -31.97
N ASP A 56 31.51 -2.50 -31.94
CA ASP A 56 30.77 -1.55 -31.10
C ASP A 56 29.69 -0.75 -31.84
N VAL A 57 29.23 -1.20 -33.03
CA VAL A 57 28.16 -0.49 -33.76
C VAL A 57 26.80 -0.78 -33.15
N THR A 58 26.19 0.24 -32.50
CA THR A 58 24.87 0.17 -31.86
C THR A 58 23.82 1.10 -32.53
N ASP A 59 24.26 1.97 -33.46
CA ASP A 59 23.42 2.89 -34.19
C ASP A 59 22.57 2.11 -35.19
N VAL A 60 21.24 2.16 -35.04
CA VAL A 60 20.29 1.45 -35.90
C VAL A 60 20.35 1.90 -37.39
N THR A 61 20.77 3.14 -37.65
CA THR A 61 20.91 3.67 -39.02
C THR A 61 22.17 3.12 -39.74
N GLN A 62 23.14 2.60 -38.95
CA GLN A 62 24.36 1.99 -39.45
C GLN A 62 24.31 0.47 -39.37
N LEU A 63 23.11 -0.13 -39.17
CA LEU A 63 22.95 -1.58 -39.07
C LEU A 63 21.98 -2.14 -40.12
N TYR A 64 22.14 -3.44 -40.40
CA TYR A 64 21.43 -4.23 -41.41
C TYR A 64 21.06 -5.61 -40.83
N LEU A 65 20.08 -6.29 -41.46
CA LEU A 65 19.68 -7.67 -41.08
C LEU A 65 20.27 -8.78 -42.06
N GLY A 66 21.10 -9.69 -41.52
CA GLY A 66 21.74 -10.81 -42.23
C GLY A 66 21.15 -12.16 -41.87
N GLY A 67 19.98 -12.42 -42.42
CA GLY A 67 19.18 -13.61 -42.12
C GLY A 67 18.20 -13.26 -41.02
N MET A 68 18.53 -13.65 -39.80
CA MET A 68 17.74 -13.29 -38.60
C MET A 68 18.60 -12.50 -37.57
N SER A 69 19.86 -12.16 -37.95
CA SER A 69 20.88 -11.47 -37.15
C SER A 69 21.11 -9.99 -37.60
N TYR A 70 21.84 -9.20 -36.78
CA TYR A 70 22.08 -7.79 -37.11
C TYR A 70 23.58 -7.55 -37.22
N TYR A 71 24.00 -6.78 -38.25
CA TYR A 71 25.42 -6.44 -38.55
C TYR A 71 25.55 -5.01 -39.06
N CYS A 72 26.72 -4.40 -38.92
CA CYS A 72 26.94 -3.06 -39.46
C CYS A 72 27.36 -3.12 -40.97
N LYS A 73 27.72 -1.97 -41.59
CA LYS A 73 28.16 -1.94 -42.99
C LYS A 73 29.48 -2.75 -43.23
N SER A 74 30.37 -2.80 -42.20
CA SER A 74 31.66 -3.50 -42.21
C SER A 74 31.53 -5.01 -42.03
N HIS A 75 30.43 -5.50 -41.46
CA HIS A 75 30.27 -6.92 -41.18
C HIS A 75 29.09 -7.60 -41.84
N LYS A 76 28.19 -6.83 -42.45
CA LYS A 76 26.99 -7.41 -43.07
C LYS A 76 27.29 -8.41 -44.20
N PRO A 77 26.47 -9.47 -44.33
CA PRO A 77 26.66 -10.39 -45.47
C PRO A 77 26.14 -9.79 -46.79
N PRO A 78 26.42 -10.38 -47.97
CA PRO A 78 25.93 -9.76 -49.23
C PRO A 78 24.41 -9.50 -49.23
N ILE A 79 23.66 -10.49 -48.76
CA ILE A 79 22.22 -10.39 -48.71
C ILE A 79 21.81 -9.91 -47.30
N SER A 80 21.61 -8.57 -47.22
CA SER A 80 21.24 -7.82 -46.02
C SER A 80 20.44 -6.54 -46.33
N PHE A 81 19.30 -6.42 -45.68
CA PHE A 81 18.40 -5.29 -45.77
C PHE A 81 18.77 -4.30 -44.66
N PRO A 82 18.83 -2.99 -44.95
CA PRO A 82 19.04 -2.01 -43.86
C PRO A 82 17.90 -1.98 -42.86
N LEU A 83 18.24 -1.83 -41.57
CA LEU A 83 17.23 -1.74 -40.53
C LEU A 83 16.41 -0.45 -40.72
N CYS A 84 17.04 0.62 -41.21
CA CYS A 84 16.35 1.88 -41.44
C CYS A 84 16.15 2.16 -42.88
N ALA A 85 14.97 1.82 -43.41
CA ALA A 85 14.68 2.17 -44.80
C ALA A 85 13.21 2.39 -45.03
N ASN A 86 12.91 3.32 -45.96
CA ASN A 86 11.57 3.69 -46.40
C ASN A 86 10.64 4.09 -45.22
N GLY A 87 11.15 4.95 -44.35
CA GLY A 87 10.39 5.47 -43.22
C GLY A 87 10.07 4.50 -42.10
N GLN A 88 10.78 3.34 -42.04
CA GLN A 88 10.52 2.33 -41.01
C GLN A 88 11.80 1.65 -40.44
N VAL A 89 11.71 1.04 -39.24
CA VAL A 89 12.76 0.27 -38.53
C VAL A 89 12.26 -1.17 -38.46
N PHE A 90 13.03 -2.12 -39.01
CA PHE A 90 12.62 -3.53 -39.05
C PHE A 90 12.20 -4.09 -37.70
N GLY A 91 10.98 -4.58 -37.64
CA GLY A 91 10.42 -5.16 -36.44
C GLY A 91 9.13 -5.90 -36.71
N LEU A 92 8.64 -6.60 -35.70
CA LEU A 92 7.39 -7.34 -35.85
C LEU A 92 6.21 -6.40 -35.91
N TYR A 93 5.19 -6.80 -36.66
CA TYR A 93 3.91 -6.10 -36.83
C TYR A 93 4.03 -4.82 -37.66
N LYS A 94 4.87 -4.86 -38.72
CA LYS A 94 5.11 -3.75 -39.63
C LYS A 94 3.89 -3.48 -40.54
N VAL A 103 5.17 13.05 -33.99
CA VAL A 103 6.42 12.51 -33.45
C VAL A 103 7.43 13.64 -33.15
N THR A 104 7.37 14.81 -33.85
CA THR A 104 8.20 16.00 -33.52
C THR A 104 8.09 16.37 -32.00
N ASP A 105 6.88 16.23 -31.45
CA ASP A 105 6.60 16.47 -30.03
C ASP A 105 7.22 15.37 -29.14
N PHE A 106 7.16 14.11 -29.58
CA PHE A 106 7.75 12.99 -28.85
C PHE A 106 9.27 13.17 -28.75
N ASN A 107 9.90 13.66 -29.83
CA ASN A 107 11.35 13.86 -29.86
C ASN A 107 11.79 14.90 -28.86
N ALA A 108 11.02 15.99 -28.75
CA ALA A 108 11.34 17.05 -27.82
C ALA A 108 11.15 16.61 -26.35
N ILE A 109 10.12 15.77 -26.07
CA ILE A 109 9.88 15.24 -24.71
C ILE A 109 10.99 14.24 -24.33
N ALA A 110 11.36 13.39 -25.28
CA ALA A 110 12.36 12.34 -25.13
C ALA A 110 13.78 12.85 -24.88
N THR A 111 14.14 14.00 -25.47
CA THR A 111 15.51 14.53 -25.42
C THR A 111 15.76 15.74 -24.49
N CYS A 112 14.69 16.47 -24.11
CA CYS A 112 14.84 17.64 -23.25
C CYS A 112 15.37 17.34 -21.82
N ASP A 113 16.01 18.34 -21.21
CA ASP A 113 16.56 18.22 -19.85
C ASP A 113 15.60 18.74 -18.73
N TRP A 114 14.37 19.19 -19.11
CA TRP A 114 13.31 19.67 -18.23
C TRP A 114 13.70 20.94 -17.45
N THR A 115 14.68 21.69 -17.94
CA THR A 115 15.10 22.94 -17.30
C THR A 115 14.41 24.18 -17.92
N ASN A 116 13.72 24.01 -19.06
CA ASN A 116 13.06 25.10 -19.78
C ASN A 116 11.55 25.02 -19.57
N ALA A 117 10.88 26.17 -19.60
CA ALA A 117 9.43 26.21 -19.45
C ALA A 117 8.71 25.56 -20.64
N GLY A 118 9.29 25.71 -21.84
CA GLY A 118 8.80 25.16 -23.10
C GLY A 118 8.69 23.64 -23.12
N ASP A 119 9.45 22.97 -22.23
CA ASP A 119 9.43 21.52 -22.04
C ASP A 119 8.12 21.09 -21.38
N TYR A 120 7.70 21.88 -20.36
CA TYR A 120 6.48 21.71 -19.60
C TYR A 120 5.26 22.12 -20.43
N ILE A 121 5.41 23.15 -21.31
CA ILE A 121 4.36 23.58 -22.20
C ILE A 121 3.98 22.45 -23.14
N LEU A 122 5.00 21.85 -23.75
CA LEU A 122 4.83 20.71 -24.65
C LEU A 122 4.21 19.52 -23.93
N ALA A 123 4.73 19.16 -22.72
CA ALA A 123 4.21 18.06 -21.89
C ALA A 123 2.71 18.21 -21.51
N ASN A 124 2.11 19.35 -21.86
CA ASN A 124 0.72 19.63 -21.55
C ASN A 124 -0.12 19.97 -22.79
N THR A 125 0.53 20.34 -23.89
CA THR A 125 -0.18 20.59 -25.15
C THR A 125 -0.17 19.36 -26.09
N CYS A 126 0.64 18.33 -25.78
CA CYS A 126 0.74 17.14 -26.59
C CYS A 126 -0.49 16.18 -26.46
N THR A 127 -0.51 15.05 -27.18
CA THR A 127 -1.56 14.04 -27.09
C THR A 127 -1.60 13.44 -25.67
N GLU A 128 -2.69 12.76 -25.35
CA GLU A 128 -2.85 12.15 -24.06
C GLU A 128 -1.75 11.14 -23.71
N ARG A 129 -1.43 10.18 -24.61
CA ARG A 129 -0.36 9.22 -24.32
C ARG A 129 1.01 9.91 -24.19
N LEU A 130 1.21 11.05 -24.88
CA LEU A 130 2.46 11.80 -24.76
C LEU A 130 2.54 12.62 -23.46
N LYS A 131 1.38 12.93 -22.85
CA LYS A 131 1.37 13.58 -21.56
C LYS A 131 1.85 12.55 -20.51
N LEU A 132 1.53 11.24 -20.67
CA LEU A 132 1.99 10.20 -19.73
C LEU A 132 3.47 9.93 -19.91
N PHE A 133 3.95 9.94 -21.18
CA PHE A 133 5.36 9.75 -21.49
C PHE A 133 6.13 10.94 -20.91
N ALA A 134 5.62 12.17 -21.14
CA ALA A 134 6.23 13.38 -20.58
C ALA A 134 6.28 13.34 -19.05
N ALA A 135 5.15 12.98 -18.41
CA ALA A 135 5.05 12.93 -16.94
C ALA A 135 5.97 11.89 -16.30
N GLU A 136 6.13 10.71 -16.93
CA GLU A 136 7.00 9.65 -16.41
C GLU A 136 8.46 10.11 -16.56
N THR A 137 8.82 10.61 -17.77
CA THR A 137 10.18 11.01 -18.15
C THR A 137 10.67 12.13 -17.24
N LEU A 138 9.78 13.11 -16.97
CA LEU A 138 10.07 14.25 -16.11
C LEU A 138 10.34 13.74 -14.70
N LYS A 139 9.45 12.90 -14.17
CA LYS A 139 9.60 12.41 -12.81
C LYS A 139 10.85 11.54 -12.64
N ALA A 140 11.20 10.74 -13.67
CA ALA A 140 12.42 9.92 -13.61
C ALA A 140 13.65 10.84 -13.67
N THR A 141 13.60 11.90 -14.50
CA THR A 141 14.69 12.87 -14.60
C THR A 141 14.90 13.61 -13.25
N GLU A 142 13.79 13.98 -12.58
CA GLU A 142 13.79 14.65 -11.28
C GLU A 142 14.44 13.78 -10.18
N GLU A 143 14.30 12.42 -10.25
CA GLU A 143 14.86 11.49 -9.26
C GLU A 143 16.35 11.27 -9.48
N THR A 144 16.77 11.02 -10.74
CA THR A 144 18.20 10.90 -11.07
C THR A 144 18.98 12.20 -10.70
N PHE A 145 18.26 13.35 -10.64
CA PHE A 145 18.88 14.60 -10.26
C PHE A 145 19.14 14.67 -8.73
N LYS A 146 18.31 14.00 -7.93
CA LYS A 146 18.51 13.95 -6.47
C LYS A 146 19.83 13.27 -6.06
N LEU A 147 20.39 12.43 -6.97
CA LEU A 147 21.66 11.72 -6.77
C LEU A 147 22.89 12.64 -6.95
N SER A 148 22.70 13.76 -7.67
CA SER A 148 23.70 14.79 -7.97
C SER A 148 24.15 15.58 -6.73
N TYR A 149 23.34 15.60 -5.69
CA TYR A 149 23.63 16.32 -4.46
C TYR A 149 24.57 15.55 -3.51
N GLY A 150 25.30 16.28 -2.68
CA GLY A 150 26.24 15.72 -1.72
C GLY A 150 25.61 15.26 -0.43
N ILE A 151 26.22 14.22 0.20
CA ILE A 151 25.82 13.59 1.46
C ILE A 151 26.18 14.47 2.67
N ALA A 152 25.19 14.83 3.49
CA ALA A 152 25.42 15.66 4.69
C ALA A 152 25.66 14.74 5.89
N THR A 153 26.77 14.91 6.62
CA THR A 153 27.08 14.03 7.76
C THR A 153 27.15 14.87 9.04
N VAL A 154 26.68 14.34 10.18
CA VAL A 154 26.71 15.08 11.46
C VAL A 154 28.13 15.28 12.00
N ARG A 155 28.55 16.54 12.15
CA ARG A 155 29.84 16.85 12.73
C ARG A 155 29.64 17.09 14.25
N GLU A 156 28.66 17.95 14.63
CA GLU A 156 28.34 18.22 16.05
C GLU A 156 26.80 18.39 16.31
N VAL A 157 26.35 18.04 17.53
CA VAL A 157 24.95 18.14 17.93
C VAL A 157 24.83 19.25 18.97
N LEU A 158 24.29 20.41 18.60
CA LEU A 158 24.14 21.54 19.51
C LEU A 158 23.05 21.27 20.58
N SER A 159 21.84 20.91 20.11
CA SER A 159 20.70 20.67 20.97
C SER A 159 19.67 19.70 20.30
N ASP A 160 18.38 19.73 20.71
CA ASP A 160 17.25 18.94 20.19
C ASP A 160 16.66 19.51 18.87
N ARG A 161 17.05 20.74 18.50
CA ARG A 161 16.58 21.39 17.29
C ARG A 161 17.69 22.16 16.53
N GLU A 162 18.97 21.92 16.85
CA GLU A 162 20.09 22.55 16.16
C GLU A 162 21.31 21.63 16.06
N LEU A 163 21.99 21.65 14.91
CA LEU A 163 23.22 20.87 14.67
C LEU A 163 24.13 21.51 13.59
N HIS A 164 25.39 21.04 13.49
CA HIS A 164 26.36 21.50 12.50
C HIS A 164 26.65 20.33 11.54
N LEU A 165 26.60 20.57 10.21
CA LEU A 165 26.78 19.52 9.21
C LEU A 165 28.08 19.60 8.39
N SER A 166 28.54 18.43 7.96
CA SER A 166 29.74 18.22 7.16
C SER A 166 29.32 17.73 5.77
N TRP A 167 29.43 18.60 4.75
CA TRP A 167 28.99 18.28 3.39
C TRP A 167 30.04 17.58 2.52
N GLU A 168 29.58 16.84 1.50
CA GLU A 168 30.43 16.09 0.59
C GLU A 168 31.17 17.03 -0.36
N VAL A 169 32.44 16.69 -0.65
CA VAL A 169 33.30 17.46 -1.56
C VAL A 169 33.07 16.96 -3.00
N GLY A 170 33.07 17.89 -3.95
CA GLY A 170 32.87 17.56 -5.36
C GLY A 170 31.42 17.53 -5.80
N LYS A 171 30.47 17.44 -4.84
CA LYS A 171 29.04 17.41 -5.15
C LYS A 171 28.31 18.62 -4.57
N PRO A 172 27.47 19.30 -5.38
CA PRO A 172 26.75 20.48 -4.89
C PRO A 172 25.86 20.21 -3.69
N ARG A 173 25.53 21.27 -2.94
CA ARG A 173 24.69 21.19 -1.74
C ARG A 173 23.23 21.57 -2.06
N PRO A 174 22.26 20.69 -1.77
CA PRO A 174 20.86 21.01 -2.09
C PRO A 174 20.31 22.17 -1.27
N PRO A 175 19.32 22.90 -1.83
CA PRO A 175 18.71 24.02 -1.08
C PRO A 175 18.18 23.57 0.28
N LEU A 176 18.42 24.37 1.33
CA LEU A 176 17.96 24.03 2.67
C LEU A 176 16.67 24.73 3.09
N ASN A 177 15.55 24.22 2.59
CA ASN A 177 14.19 24.66 2.89
C ASN A 177 13.33 23.42 3.26
N ARG A 178 12.05 23.59 3.60
CA ARG A 178 11.19 22.46 3.94
C ARG A 178 10.80 21.63 2.70
N ASN A 179 10.94 22.20 1.48
CA ASN A 179 10.62 21.52 0.22
C ASN A 179 11.48 20.25 0.06
N TYR A 180 12.77 20.33 0.45
CA TYR A 180 13.75 19.25 0.30
C TYR A 180 13.77 18.32 1.54
N VAL A 181 13.14 17.12 1.43
CA VAL A 181 13.09 16.17 2.55
C VAL A 181 14.18 15.06 2.42
N PHE A 182 15.02 14.98 3.46
CA PHE A 182 16.15 14.06 3.59
C PHE A 182 15.75 12.75 4.25
N THR A 183 16.65 11.78 4.24
CA THR A 183 16.43 10.50 4.87
C THR A 183 17.69 10.22 5.66
N GLY A 184 17.54 10.09 6.96
CA GLY A 184 18.66 9.87 7.87
C GLY A 184 19.08 8.42 7.94
N TYR A 185 20.38 8.16 8.26
CA TYR A 185 20.92 6.81 8.31
C TYR A 185 21.94 6.65 9.42
N GLN A 194 18.61 3.83 8.92
CA GLN A 194 17.33 4.44 8.51
C GLN A 194 16.61 5.05 9.72
N ILE A 195 17.09 6.24 10.18
CA ILE A 195 16.59 6.96 11.36
C ILE A 195 15.35 7.84 11.10
N GLY A 196 14.78 7.80 9.89
CA GLY A 196 13.59 8.58 9.57
C GLY A 196 13.86 9.78 8.70
N GLU A 197 12.79 10.38 8.13
CA GLU A 197 12.95 11.54 7.26
C GLU A 197 13.30 12.80 8.08
N TYR A 198 14.10 13.71 7.51
CA TYR A 198 14.54 14.91 8.25
C TYR A 198 14.51 16.16 7.34
N THR A 199 14.34 17.35 7.93
CA THR A 199 14.35 18.64 7.21
C THR A 199 15.31 19.68 7.90
N PHE A 200 15.82 20.71 7.14
CA PHE A 200 16.76 21.74 7.65
C PHE A 200 16.40 23.21 7.33
N GLU A 201 16.83 24.16 8.19
CA GLU A 201 16.65 25.62 8.04
C GLU A 201 17.84 26.38 8.64
N LYS A 202 18.16 27.58 8.13
CA LYS A 202 19.28 28.37 8.67
C LYS A 202 18.91 29.15 9.96
N ASP A 207 27.85 28.84 12.36
CA ASP A 207 27.28 27.96 11.35
C ASP A 207 26.20 27.03 11.94
N ALA A 208 25.19 27.61 12.64
CA ALA A 208 24.13 26.83 13.29
C ALA A 208 22.88 26.57 12.44
N VAL A 209 22.67 25.30 12.04
CA VAL A 209 21.52 24.86 11.25
C VAL A 209 20.44 24.20 12.16
N VAL A 210 19.18 24.39 11.80
CA VAL A 210 18.01 23.90 12.54
C VAL A 210 17.55 22.53 11.94
N TYR A 211 17.68 21.41 12.70
CA TYR A 211 17.27 20.08 12.20
C TYR A 211 15.86 19.66 12.67
N ARG A 212 15.11 19.00 11.80
CA ARG A 212 13.73 18.60 12.09
C ARG A 212 13.40 17.16 11.64
N GLY A 213 13.41 16.24 12.59
CA GLY A 213 13.12 14.85 12.31
C GLY A 213 11.64 14.53 12.29
N THR A 214 11.18 13.96 11.16
CA THR A 214 9.80 13.48 11.05
C THR A 214 9.48 12.40 12.13
N THR A 215 10.53 11.88 12.81
CA THR A 215 10.53 10.94 13.92
C THR A 215 11.54 11.51 14.96
N THR A 216 11.23 11.47 16.27
CA THR A 216 12.15 12.00 17.28
C THR A 216 13.32 11.04 17.52
N TYR A 217 14.55 11.53 17.29
CA TYR A 217 15.72 10.69 17.47
C TYR A 217 16.91 11.52 17.92
N LYS A 218 17.59 11.03 18.95
CA LYS A 218 18.78 11.65 19.53
C LYS A 218 19.90 11.64 18.49
N LEU A 219 20.00 12.74 17.69
CA LEU A 219 20.95 12.93 16.60
C LEU A 219 22.37 12.49 16.95
N ASN A 220 22.82 11.35 16.40
CA ASN A 220 24.16 10.83 16.66
C ASN A 220 25.16 11.47 15.69
N VAL A 221 26.40 11.68 16.14
CA VAL A 221 27.45 12.22 15.25
C VAL A 221 27.92 11.04 14.34
N GLY A 222 28.09 11.30 13.05
CA GLY A 222 28.42 10.25 12.10
C GLY A 222 27.23 9.83 11.25
N ASP A 223 26.01 10.08 11.75
CA ASP A 223 24.80 9.80 11.00
C ASP A 223 24.77 10.71 9.76
N TYR A 224 24.20 10.23 8.65
CA TYR A 224 24.19 11.01 7.42
C TYR A 224 22.77 11.14 6.81
N PHE A 225 22.58 12.10 5.89
CA PHE A 225 21.29 12.39 5.29
C PHE A 225 21.34 12.46 3.78
N VAL A 226 20.41 11.77 3.11
CA VAL A 226 20.35 11.76 1.63
C VAL A 226 18.90 12.07 1.17
N LEU A 227 18.74 12.79 0.04
CA LEU A 227 17.40 13.05 -0.49
C LEU A 227 16.89 11.74 -1.05
N THR A 228 15.81 11.19 -0.45
CA THR A 228 15.30 9.88 -0.85
C THR A 228 14.78 9.83 -2.27
N SER A 229 15.55 9.16 -3.13
CA SER A 229 15.24 8.94 -4.52
C SER A 229 14.27 7.76 -4.62
N HIS A 230 13.00 8.03 -4.97
CA HIS A 230 12.00 6.96 -5.10
C HIS A 230 11.81 6.55 -6.57
N THR A 231 11.65 5.24 -6.79
CA THR A 231 11.44 4.62 -8.10
C THR A 231 10.21 5.22 -8.75
N VAL A 232 10.29 5.58 -10.05
CA VAL A 232 9.17 6.15 -10.80
C VAL A 232 8.43 5.04 -11.49
N MET A 233 7.20 4.77 -11.04
CA MET A 233 6.40 3.72 -11.64
C MET A 233 5.82 4.23 -12.96
N PRO A 234 5.65 3.33 -13.92
CA PRO A 234 5.06 3.75 -15.20
C PRO A 234 3.58 4.13 -15.06
N LEU A 235 3.14 5.04 -15.92
CA LEU A 235 1.78 5.52 -15.99
C LEU A 235 1.01 4.67 -17.00
N SER A 236 -0.30 4.49 -16.75
CA SER A 236 -1.17 3.69 -17.63
C SER A 236 -2.49 4.41 -17.91
N ALA A 237 -3.07 4.98 -16.86
CA ALA A 237 -4.33 5.72 -16.95
C ALA A 237 -4.13 7.15 -17.49
N PRO A 238 -5.09 7.71 -18.27
CA PRO A 238 -4.92 9.10 -18.74
C PRO A 238 -4.95 10.12 -17.59
N THR A 239 -4.53 11.37 -17.87
CA THR A 239 -4.58 12.46 -16.87
C THR A 239 -6.03 12.85 -16.56
N LEU A 240 -6.88 12.82 -17.59
CA LEU A 240 -8.30 13.06 -17.59
C LEU A 240 -8.96 11.92 -18.36
N VAL A 241 -10.01 11.32 -17.81
CA VAL A 241 -10.75 10.28 -18.54
C VAL A 241 -11.47 10.99 -19.73
N PRO A 242 -11.95 10.25 -20.77
CA PRO A 242 -12.70 10.94 -21.83
C PRO A 242 -14.00 11.49 -21.24
N GLN A 243 -14.34 12.74 -21.60
CA GLN A 243 -15.54 13.36 -21.07
C GLN A 243 -16.80 12.69 -21.57
N GLU A 244 -17.80 12.55 -20.70
CA GLU A 244 -19.10 12.00 -21.02
C GLU A 244 -20.13 12.96 -20.49
N HIS A 245 -21.10 13.32 -21.31
CA HIS A 245 -22.19 14.17 -20.87
C HIS A 245 -23.44 13.33 -20.87
N TYR A 246 -24.23 13.45 -19.82
CA TYR A 246 -25.45 12.66 -19.66
C TYR A 246 -26.69 13.55 -19.63
N VAL A 247 -27.84 12.97 -19.99
CA VAL A 247 -29.15 13.66 -20.03
C VAL A 247 -29.77 13.77 -18.60
N ARG A 248 -29.34 12.90 -17.70
CA ARG A 248 -29.81 12.81 -16.33
C ARG A 248 -28.63 12.49 -15.42
N ILE A 249 -28.81 12.74 -14.11
CA ILE A 249 -27.80 12.42 -13.08
C ILE A 249 -27.63 10.89 -13.08
N THR A 250 -26.38 10.44 -13.25
CA THR A 250 -26.06 9.03 -13.42
C THR A 250 -25.42 8.36 -12.21
N GLY A 251 -26.05 7.30 -11.71
CA GLY A 251 -25.54 6.50 -10.58
C GLY A 251 -25.46 7.22 -9.24
N LEU A 252 -26.09 8.39 -9.16
CA LEU A 252 -26.10 9.20 -7.97
C LEU A 252 -27.54 9.51 -7.61
N TYR A 253 -27.84 9.58 -6.31
CA TYR A 253 -29.23 9.79 -5.87
C TYR A 253 -29.37 11.04 -4.99
N PRO A 254 -29.93 12.13 -5.57
CA PRO A 254 -30.06 13.40 -4.84
C PRO A 254 -31.08 13.45 -3.68
N THR A 255 -30.84 14.30 -2.64
CA THR A 255 -31.87 14.50 -1.60
C THR A 255 -32.83 15.56 -2.11
N LEU A 256 -34.07 15.46 -1.66
CA LEU A 256 -35.03 16.53 -1.87
C LEU A 256 -34.86 17.51 -0.68
N ASN A 257 -34.56 16.96 0.52
CA ASN A 257 -34.26 17.65 1.76
C ASN A 257 -32.79 18.05 1.71
N ILE A 258 -32.49 19.23 1.13
CA ILE A 258 -31.11 19.70 1.07
C ILE A 258 -30.99 21.01 1.87
N SER A 259 -30.16 20.98 2.95
CA SER A 259 -29.88 22.09 3.88
C SER A 259 -29.66 23.43 3.15
N ASP A 260 -30.33 24.49 3.59
CA ASP A 260 -30.26 25.83 3.00
C ASP A 260 -28.84 26.37 2.84
N GLU A 261 -27.92 25.89 3.69
CA GLU A 261 -26.51 26.25 3.70
C GLU A 261 -25.86 25.95 2.33
N PHE A 262 -26.25 24.78 1.74
CA PHE A 262 -25.77 24.20 0.48
C PHE A 262 -26.69 24.39 -0.70
N SER A 263 -27.78 25.15 -0.54
CA SER A 263 -28.73 25.45 -1.61
C SER A 263 -28.07 26.22 -2.75
N SER A 264 -27.02 27.01 -2.48
CA SER A 264 -26.33 27.78 -3.51
C SER A 264 -25.57 26.88 -4.49
N ASN A 265 -25.21 25.64 -4.09
CA ASN A 265 -24.47 24.75 -4.96
C ASN A 265 -25.31 23.63 -5.59
N VAL A 266 -26.64 23.64 -5.42
CA VAL A 266 -27.52 22.58 -5.94
C VAL A 266 -27.46 22.45 -7.46
N ALA A 267 -27.50 23.58 -8.20
CA ALA A 267 -27.41 23.54 -9.64
C ALA A 267 -26.06 22.91 -10.09
N ASN A 268 -24.96 23.30 -9.42
CA ASN A 268 -23.63 22.76 -9.71
C ASN A 268 -23.49 21.27 -9.32
N TYR A 269 -24.13 20.81 -8.22
CA TYR A 269 -24.10 19.40 -7.79
C TYR A 269 -24.81 18.52 -8.81
N GLN A 270 -25.85 19.06 -9.48
CA GLN A 270 -26.58 18.34 -10.51
C GLN A 270 -25.71 18.25 -11.76
N LYS A 271 -25.00 19.34 -12.13
CA LYS A 271 -24.04 19.37 -13.23
C LYS A 271 -22.96 18.27 -13.00
N VAL A 272 -22.55 18.07 -11.73
CA VAL A 272 -21.58 17.05 -11.32
C VAL A 272 -22.07 15.59 -11.64
N GLY A 273 -23.38 15.32 -11.47
CA GLY A 273 -23.98 14.02 -11.78
C GLY A 273 -24.33 13.82 -13.24
N MET A 274 -24.32 14.88 -14.03
CA MET A 274 -24.64 14.84 -15.46
C MET A 274 -23.45 14.90 -16.41
N GLN A 275 -22.24 14.72 -15.88
CA GLN A 275 -20.98 14.73 -16.60
C GLN A 275 -20.06 13.67 -15.97
N LYS A 276 -19.12 13.11 -16.74
CA LYS A 276 -18.16 12.14 -16.20
C LYS A 276 -17.21 12.86 -15.24
N TYR A 277 -16.73 14.04 -15.63
CA TYR A 277 -15.86 14.84 -14.79
C TYR A 277 -16.25 16.33 -14.89
N SER A 278 -15.93 17.08 -13.85
CA SER A 278 -16.24 18.51 -13.81
C SER A 278 -15.14 19.32 -13.13
N THR A 279 -14.91 20.54 -13.61
CA THR A 279 -13.89 21.42 -13.04
C THR A 279 -14.54 22.56 -12.23
N LEU A 280 -14.00 22.83 -11.05
CA LEU A 280 -14.48 23.93 -10.22
C LEU A 280 -13.35 24.91 -9.91
N GLN A 281 -13.45 26.14 -10.45
CA GLN A 281 -12.51 27.18 -10.11
C GLN A 281 -13.09 27.98 -8.96
N GLY A 282 -12.41 27.89 -7.84
CA GLY A 282 -12.80 28.59 -6.65
C GLY A 282 -11.67 29.46 -6.17
N PRO A 283 -11.75 30.78 -6.46
CA PRO A 283 -10.79 31.73 -5.89
C PRO A 283 -10.70 31.62 -4.35
N PRO A 284 -9.74 32.29 -3.69
CA PRO A 284 -9.63 32.15 -2.23
C PRO A 284 -10.92 32.50 -1.49
N GLY A 285 -11.32 31.64 -0.55
CA GLY A 285 -12.45 31.88 0.32
C GLY A 285 -13.82 31.97 -0.32
N THR A 286 -13.99 31.29 -1.47
CA THR A 286 -15.25 31.29 -2.20
C THR A 286 -16.14 30.06 -1.88
N GLY A 287 -15.63 29.12 -1.09
CA GLY A 287 -16.38 27.95 -0.68
C GLY A 287 -16.01 26.62 -1.34
N LYS A 288 -14.70 26.32 -1.54
CA LYS A 288 -14.32 25.04 -2.14
C LYS A 288 -14.57 23.87 -1.18
N SER A 289 -14.13 23.97 0.08
CA SER A 289 -14.37 22.89 1.04
C SER A 289 -15.86 22.68 1.27
N HIS A 290 -16.61 23.80 1.32
CA HIS A 290 -18.04 23.82 1.53
C HIS A 290 -18.74 23.12 0.36
N PHE A 291 -18.31 23.40 -0.87
CA PHE A 291 -18.83 22.75 -2.06
C PHE A 291 -18.51 21.25 -2.02
N ALA A 292 -17.24 20.88 -1.79
CA ALA A 292 -16.82 19.49 -1.74
C ALA A 292 -17.58 18.65 -0.70
N ILE A 293 -17.76 19.16 0.54
CA ILE A 293 -18.46 18.42 1.60
C ILE A 293 -19.99 18.40 1.36
N GLY A 294 -20.51 19.51 0.85
CA GLY A 294 -21.92 19.64 0.49
C GLY A 294 -22.38 18.73 -0.64
N LEU A 295 -21.44 18.25 -1.43
CA LEU A 295 -21.71 17.32 -2.50
C LEU A 295 -22.12 15.96 -1.91
N ALA A 296 -21.57 15.58 -0.72
CA ALA A 296 -21.90 14.36 0.03
C ALA A 296 -23.29 14.46 0.65
N LEU A 297 -23.68 15.64 1.10
CA LEU A 297 -25.02 15.86 1.63
C LEU A 297 -26.06 15.86 0.48
N TYR A 298 -25.66 16.27 -0.74
CA TYR A 298 -26.53 16.26 -1.88
C TYR A 298 -26.72 14.85 -2.44
N TYR A 299 -25.67 14.00 -2.44
CA TYR A 299 -25.80 12.61 -2.87
C TYR A 299 -25.49 11.78 -1.63
N PRO A 300 -26.48 11.66 -0.71
CA PRO A 300 -26.21 11.07 0.61
C PRO A 300 -25.77 9.63 0.67
N SER A 301 -26.14 8.83 -0.32
CA SER A 301 -25.80 7.41 -0.41
C SER A 301 -24.46 7.15 -1.15
N ALA A 302 -23.98 8.15 -1.91
CA ALA A 302 -22.75 8.09 -2.70
C ALA A 302 -21.47 7.97 -1.90
N ARG A 303 -20.62 7.03 -2.31
CA ARG A 303 -19.29 6.86 -1.68
C ARG A 303 -18.34 7.86 -2.31
N ILE A 304 -17.75 8.73 -1.49
CA ILE A 304 -16.87 9.77 -2.00
C ILE A 304 -15.48 9.64 -1.46
N VAL A 305 -14.52 9.57 -2.37
CA VAL A 305 -13.14 9.57 -2.00
C VAL A 305 -12.64 11.00 -2.22
N TYR A 306 -12.12 11.60 -1.16
CA TYR A 306 -11.57 12.94 -1.14
C TYR A 306 -10.06 12.81 -1.18
N THR A 307 -9.44 13.40 -2.19
CA THR A 307 -8.01 13.33 -2.41
C THR A 307 -7.44 14.70 -2.77
N ALA A 308 -6.14 14.86 -2.53
CA ALA A 308 -5.30 16.02 -2.83
C ALA A 308 -3.82 15.59 -2.74
N CYS A 309 -2.87 16.40 -3.26
CA CYS A 309 -1.47 16.00 -3.19
C CYS A 309 -0.91 16.10 -1.78
N SER A 310 -1.20 17.22 -1.08
CA SER A 310 -0.65 17.45 0.25
C SER A 310 -1.53 16.93 1.41
N HIS A 311 -0.87 16.63 2.53
CA HIS A 311 -1.57 16.21 3.74
C HIS A 311 -2.42 17.35 4.28
N ALA A 312 -1.95 18.62 4.19
CA ALA A 312 -2.72 19.76 4.65
C ALA A 312 -4.02 19.97 3.85
N ALA A 313 -4.00 19.69 2.53
CA ALA A 313 -5.19 19.85 1.71
C ALA A 313 -6.24 18.78 2.04
N VAL A 314 -5.77 17.54 2.31
CA VAL A 314 -6.64 16.42 2.70
C VAL A 314 -7.22 16.69 4.09
N ASP A 315 -6.38 17.22 5.02
CA ASP A 315 -6.79 17.57 6.40
C ASP A 315 -7.81 18.70 6.45
N ALA A 316 -7.67 19.69 5.57
CA ALA A 316 -8.65 20.77 5.48
C ALA A 316 -10.03 20.21 5.05
N LEU A 317 -10.03 19.18 4.16
CA LEU A 317 -11.26 18.50 3.74
C LEU A 317 -11.88 17.68 4.94
N CYS A 318 -11.02 17.08 5.79
CA CYS A 318 -11.46 16.34 6.97
C CYS A 318 -12.09 17.30 7.98
N GLU A 319 -11.51 18.51 8.15
CA GLU A 319 -12.06 19.48 9.08
C GLU A 319 -13.46 19.91 8.67
N LYS A 320 -13.67 20.16 7.37
CA LYS A 320 -14.99 20.53 6.89
C LYS A 320 -15.96 19.33 6.96
N ALA A 321 -15.47 18.08 6.77
CA ALA A 321 -16.32 16.89 6.86
C ALA A 321 -16.73 16.57 8.31
N LEU A 322 -15.85 16.85 9.25
CA LEU A 322 -16.09 16.62 10.67
C LEU A 322 -17.31 17.43 11.17
N LYS A 323 -17.52 18.63 10.58
CA LYS A 323 -18.59 19.57 10.86
C LYS A 323 -19.96 19.19 10.23
N TYR A 324 -19.98 18.51 9.05
CA TYR A 324 -21.25 18.21 8.35
C TYR A 324 -21.58 16.73 8.09
N LEU A 325 -20.57 15.87 8.07
CA LEU A 325 -20.77 14.45 7.75
C LEU A 325 -20.58 13.56 8.98
N PRO A 326 -21.28 12.40 9.03
CA PRO A 326 -21.12 11.49 10.18
C PRO A 326 -19.71 10.94 10.33
N ILE A 327 -19.07 11.15 11.51
CA ILE A 327 -17.71 10.71 11.81
C ILE A 327 -17.48 9.20 11.63
N ASP A 328 -18.56 8.38 11.77
CA ASP A 328 -18.45 6.93 11.63
C ASP A 328 -18.34 6.46 10.17
N LYS A 329 -18.82 7.28 9.22
CA LYS A 329 -18.70 6.95 7.81
C LYS A 329 -17.42 7.56 7.17
N CYS A 330 -16.51 8.14 7.99
CA CYS A 330 -15.27 8.75 7.52
C CYS A 330 -14.04 7.96 7.92
N SER A 331 -13.02 8.04 7.06
CA SER A 331 -11.74 7.44 7.36
C SER A 331 -10.60 8.22 6.74
N ARG A 332 -9.57 8.49 7.54
CA ARG A 332 -8.39 9.20 7.06
C ARG A 332 -7.32 8.12 6.74
N ILE A 333 -6.91 7.98 5.46
CA ILE A 333 -5.91 6.99 5.05
C ILE A 333 -4.54 7.60 5.25
N ILE A 334 -3.72 6.94 6.08
CA ILE A 334 -2.37 7.38 6.42
C ILE A 334 -1.38 6.31 6.02
N PRO A 335 -0.42 6.63 5.12
CA PRO A 335 0.60 5.64 4.75
C PRO A 335 1.47 5.31 5.95
N ALA A 336 1.77 4.02 6.16
CA ALA A 336 2.59 3.55 7.27
C ALA A 336 3.91 4.35 7.42
N ARG A 337 4.44 4.87 6.29
CA ARG A 337 5.63 5.74 6.31
C ARG A 337 5.19 7.20 6.56
N ALA A 338 4.73 7.48 7.80
CA ALA A 338 4.23 8.80 8.22
C ALA A 338 5.35 9.85 8.23
N ARG A 339 5.11 10.99 7.54
CA ARG A 339 6.07 12.10 7.37
C ARG A 339 5.67 13.31 8.21
N VAL A 340 4.39 13.69 8.18
CA VAL A 340 3.88 14.78 9.01
C VAL A 340 2.64 14.30 9.76
N GLU A 341 2.34 14.98 10.88
CA GLU A 341 1.17 14.75 11.70
C GLU A 341 -0.01 15.21 10.88
N CYS A 342 -1.03 14.37 10.76
CA CYS A 342 -2.23 14.75 10.03
C CYS A 342 -3.52 14.53 10.91
N PHE A 343 -4.69 14.64 10.30
CA PHE A 343 -5.99 14.54 10.93
C PHE A 343 -6.16 13.29 11.75
N ASP A 344 -6.50 13.45 13.06
CA ASP A 344 -6.65 12.37 14.03
C ASP A 344 -8.10 12.07 14.49
N LYS A 345 -9.13 12.81 14.01
CA LYS A 345 -10.51 12.55 14.48
C LYS A 345 -11.27 11.44 13.72
N PHE A 346 -10.77 10.91 12.58
CA PHE A 346 -11.47 9.81 11.89
C PHE A 346 -10.80 8.47 12.19
N LYS A 347 -11.51 7.34 11.93
CA LYS A 347 -10.88 6.01 12.07
C LYS A 347 -9.80 5.92 10.97
N VAL A 348 -8.59 5.50 11.33
CA VAL A 348 -7.48 5.48 10.39
C VAL A 348 -7.39 4.18 9.58
N ASN A 349 -7.10 4.32 8.26
CA ASN A 349 -6.83 3.26 7.28
C ASN A 349 -8.00 2.31 7.01
N SER A 350 -9.23 2.76 7.31
CA SER A 350 -10.40 1.97 6.97
C SER A 350 -10.83 2.45 5.60
N THR A 351 -10.34 1.79 4.54
CA THR A 351 -10.67 2.19 3.15
C THR A 351 -12.10 1.73 2.86
N LEU A 352 -12.73 1.10 3.85
CA LEU A 352 -14.09 0.53 3.65
C LEU A 352 -15.14 1.60 3.95
N GLU A 353 -14.75 2.72 4.55
CA GLU A 353 -15.73 3.74 4.97
C GLU A 353 -16.34 4.48 3.77
N GLN A 354 -17.58 4.98 3.92
CA GLN A 354 -18.26 5.72 2.85
C GLN A 354 -17.49 6.97 2.36
N TYR A 355 -16.78 7.64 3.28
CA TYR A 355 -15.99 8.82 3.00
C TYR A 355 -14.55 8.53 3.31
N VAL A 356 -13.69 8.56 2.28
CA VAL A 356 -12.28 8.25 2.43
C VAL A 356 -11.44 9.46 2.07
N PHE A 357 -10.67 9.96 3.02
CA PHE A 357 -9.84 11.13 2.82
C PHE A 357 -8.42 10.62 2.76
N CYS A 358 -7.73 10.88 1.65
CA CYS A 358 -6.41 10.31 1.43
C CYS A 358 -5.56 11.14 0.43
N THR A 359 -4.23 11.28 0.65
CA THR A 359 -3.36 11.96 -0.31
C THR A 359 -3.21 11.06 -1.58
N VAL A 360 -2.84 11.65 -2.74
CA VAL A 360 -2.70 10.89 -3.98
C VAL A 360 -1.72 9.68 -3.85
N ASN A 361 -0.47 9.89 -3.34
CA ASN A 361 0.54 8.81 -3.24
C ASN A 361 0.20 7.68 -2.27
N ALA A 362 -0.84 7.86 -1.44
CA ALA A 362 -1.29 6.83 -0.49
C ALA A 362 -2.59 6.11 -0.93
N LEU A 363 -3.23 6.58 -2.03
CA LEU A 363 -4.51 6.04 -2.49
C LEU A 363 -4.50 4.56 -2.70
N PRO A 364 -5.49 3.87 -2.12
CA PRO A 364 -5.61 2.43 -2.38
C PRO A 364 -6.30 2.21 -3.74
N GLU A 365 -6.33 0.95 -4.17
CA GLU A 365 -6.99 0.59 -5.41
C GLU A 365 -8.42 0.29 -5.05
N THR A 366 -9.30 1.23 -5.37
CA THR A 366 -10.72 1.06 -4.98
C THR A 366 -11.65 1.71 -5.99
N THR A 367 -12.94 1.77 -5.65
CA THR A 367 -13.94 2.37 -6.55
C THR A 367 -14.69 3.42 -5.75
N ALA A 368 -15.43 4.28 -6.44
CA ALA A 368 -16.16 5.35 -5.78
C ALA A 368 -17.31 5.82 -6.67
N ASP A 369 -18.33 6.45 -6.07
CA ASP A 369 -19.41 7.03 -6.87
C ASP A 369 -18.93 8.43 -7.34
N ILE A 370 -18.21 9.16 -6.47
CA ILE A 370 -17.60 10.45 -6.74
C ILE A 370 -16.16 10.42 -6.21
N VAL A 371 -15.25 11.00 -6.97
CA VAL A 371 -13.89 11.23 -6.52
C VAL A 371 -13.76 12.76 -6.53
N VAL A 372 -13.37 13.37 -5.39
CA VAL A 372 -13.17 14.81 -5.32
C VAL A 372 -11.66 15.03 -5.18
N PHE A 373 -11.02 15.69 -6.17
CA PHE A 373 -9.59 16.02 -6.16
C PHE A 373 -9.51 17.52 -5.90
N ASP A 374 -9.03 17.90 -4.72
CA ASP A 374 -8.93 19.29 -4.30
C ASP A 374 -7.52 19.84 -4.52
N GLU A 375 -7.38 21.19 -4.50
CA GLU A 375 -6.13 21.94 -4.70
C GLU A 375 -5.47 21.48 -6.02
N ILE A 376 -6.25 21.55 -7.13
CA ILE A 376 -5.88 21.06 -8.45
C ILE A 376 -4.70 21.81 -9.05
N SER A 377 -4.45 23.09 -8.73
CA SER A 377 -3.26 23.77 -9.24
C SER A 377 -1.95 23.09 -8.72
N MET A 378 -1.99 22.43 -7.54
CA MET A 378 -0.82 21.72 -7.00
C MET A 378 -0.56 20.35 -7.62
N ALA A 379 -1.49 19.83 -8.40
CA ALA A 379 -1.32 18.53 -9.03
C ALA A 379 -0.44 18.61 -10.25
N THR A 380 0.28 17.53 -10.52
CA THR A 380 1.04 17.40 -11.74
C THR A 380 0.22 16.43 -12.62
N ASN A 381 0.63 16.26 -13.89
CA ASN A 381 -0.02 15.28 -14.73
C ASN A 381 0.25 13.86 -14.24
N TYR A 382 1.41 13.63 -13.56
CA TYR A 382 1.76 12.37 -12.96
C TYR A 382 0.68 11.99 -11.89
N ASP A 383 0.31 12.96 -11.01
CA ASP A 383 -0.74 12.84 -9.99
C ASP A 383 -2.15 12.62 -10.61
N LEU A 384 -2.51 13.39 -11.67
CA LEU A 384 -3.79 13.25 -12.36
C LEU A 384 -3.95 11.80 -12.87
N SER A 385 -2.87 11.24 -13.43
CA SER A 385 -2.83 9.89 -13.96
C SER A 385 -2.91 8.83 -12.85
N VAL A 386 -2.20 9.03 -11.71
CA VAL A 386 -2.22 8.08 -10.58
C VAL A 386 -3.63 7.99 -10.03
N VAL A 387 -4.33 9.12 -9.90
CA VAL A 387 -5.70 9.11 -9.42
C VAL A 387 -6.61 8.29 -10.35
N ASN A 388 -6.50 8.49 -11.68
CA ASN A 388 -7.31 7.71 -12.62
C ASN A 388 -6.97 6.20 -12.60
N ALA A 389 -5.73 5.84 -12.23
CA ALA A 389 -5.25 4.46 -12.16
C ALA A 389 -5.64 3.74 -10.87
N ARG A 390 -5.71 4.45 -9.74
CA ARG A 390 -6.05 3.83 -8.46
C ARG A 390 -7.54 3.90 -8.11
N LEU A 391 -8.23 4.92 -8.62
CA LEU A 391 -9.65 5.12 -8.38
C LEU A 391 -10.52 5.00 -9.64
N ARG A 392 -11.45 4.04 -9.65
CA ARG A 392 -12.41 3.88 -10.75
C ARG A 392 -13.75 4.44 -10.25
N ALA A 393 -14.15 5.63 -10.73
CA ALA A 393 -15.36 6.30 -10.24
C ALA A 393 -16.43 6.63 -11.29
N LYS A 394 -17.69 6.81 -10.85
CA LYS A 394 -18.76 7.19 -11.76
C LYS A 394 -18.59 8.67 -12.19
N HIS A 395 -18.11 9.53 -11.23
CA HIS A 395 -17.88 10.97 -11.40
C HIS A 395 -16.59 11.42 -10.75
N TYR A 396 -15.90 12.39 -11.38
CA TYR A 396 -14.64 12.96 -10.89
C TYR A 396 -14.80 14.48 -10.83
N VAL A 397 -14.55 15.11 -9.68
CA VAL A 397 -14.68 16.56 -9.56
C VAL A 397 -13.31 17.13 -9.21
N TYR A 398 -12.83 18.06 -10.03
CA TYR A 398 -11.52 18.67 -9.85
C TYR A 398 -11.73 20.04 -9.35
N ILE A 399 -11.31 20.30 -8.14
CA ILE A 399 -11.48 21.58 -7.47
C ILE A 399 -10.12 22.28 -7.20
N GLY A 400 -10.09 23.57 -7.46
CA GLY A 400 -8.89 24.34 -7.22
C GLY A 400 -8.97 25.69 -7.87
N ASP A 401 -7.82 26.23 -8.24
CA ASP A 401 -7.78 27.56 -8.83
C ASP A 401 -6.47 27.75 -9.56
N PRO A 402 -6.51 27.89 -10.91
CA PRO A 402 -5.26 28.07 -11.67
C PRO A 402 -4.56 29.42 -11.43
N ALA A 403 -5.19 30.32 -10.64
CA ALA A 403 -4.59 31.58 -10.19
C ALA A 403 -3.86 31.43 -8.82
N GLN A 404 -3.82 30.21 -8.28
CA GLN A 404 -3.04 29.92 -7.09
C GLN A 404 -1.76 29.14 -7.49
N LEU A 405 -0.91 28.81 -6.52
CA LEU A 405 0.39 28.22 -6.77
C LEU A 405 0.41 26.76 -7.26
N PRO A 406 1.32 26.48 -8.24
CA PRO A 406 1.44 25.12 -8.76
C PRO A 406 2.48 24.28 -7.98
N ALA A 407 2.63 22.99 -8.32
CA ALA A 407 3.66 22.17 -7.70
C ALA A 407 5.03 22.73 -8.12
N PRO A 408 6.00 22.77 -7.20
CA PRO A 408 7.35 23.23 -7.56
C PRO A 408 7.98 22.28 -8.58
N ARG A 409 8.57 22.85 -9.62
CA ARG A 409 9.25 22.05 -10.64
C ARG A 409 10.74 22.25 -10.40
N THR A 410 11.33 21.39 -9.55
CA THR A 410 12.73 21.47 -9.14
C THR A 410 13.72 21.64 -10.27
N LEU A 411 13.44 21.06 -11.46
CA LEU A 411 14.37 21.18 -12.57
C LEU A 411 14.18 22.45 -13.38
N LEU A 412 12.97 23.04 -13.36
CA LEU A 412 12.69 24.24 -14.16
C LEU A 412 13.42 25.49 -13.64
N THR A 413 14.37 26.00 -14.45
CA THR A 413 15.16 27.20 -14.12
C THR A 413 15.08 28.30 -15.17
N LYS A 414 14.62 27.99 -16.37
CA LYS A 414 14.53 28.99 -17.44
C LYS A 414 13.10 29.15 -17.92
N GLY A 415 12.57 30.35 -17.82
CA GLY A 415 11.20 30.62 -18.23
C GLY A 415 10.23 30.46 -17.08
N THR A 416 9.04 31.01 -17.27
CA THR A 416 8.00 30.93 -16.25
C THR A 416 6.86 30.04 -16.74
N LEU A 417 6.43 29.10 -15.89
CA LEU A 417 5.33 28.20 -16.22
C LEU A 417 3.96 28.87 -16.02
N GLU A 418 3.22 29.13 -17.10
CA GLU A 418 1.91 29.76 -17.00
C GLU A 418 0.80 28.79 -16.49
N PRO A 419 -0.27 29.31 -15.82
CA PRO A 419 -1.35 28.43 -15.28
C PRO A 419 -1.95 27.36 -16.22
N GLU A 420 -2.13 27.69 -17.51
CA GLU A 420 -2.63 26.70 -18.47
C GLU A 420 -1.69 25.50 -18.71
N TYR A 421 -0.51 25.52 -18.10
CA TYR A 421 0.46 24.47 -18.25
C TYR A 421 0.78 23.71 -16.94
N PHE A 422 0.06 24.00 -15.84
CA PHE A 422 0.28 23.36 -14.54
C PHE A 422 -0.05 21.90 -14.68
N ASN A 423 -1.22 21.59 -15.25
CA ASN A 423 -1.67 20.21 -15.48
C ASN A 423 -2.86 20.24 -16.48
N SER A 424 -3.40 19.06 -16.84
CA SER A 424 -4.50 18.95 -17.79
C SER A 424 -5.75 19.71 -17.37
N VAL A 425 -6.09 19.64 -16.06
CA VAL A 425 -7.25 20.29 -15.50
C VAL A 425 -7.10 21.80 -15.57
N CYS A 426 -5.91 22.32 -15.18
CA CYS A 426 -5.65 23.76 -15.24
C CYS A 426 -5.62 24.24 -16.68
N ARG A 427 -5.15 23.41 -17.61
CA ARG A 427 -5.16 23.73 -19.03
C ARG A 427 -6.61 23.93 -19.49
N LEU A 428 -7.51 23.03 -19.10
CA LEU A 428 -8.93 23.16 -19.43
C LEU A 428 -9.53 24.43 -18.83
N MET A 429 -9.31 24.69 -17.50
CA MET A 429 -9.87 25.87 -16.81
C MET A 429 -9.42 27.22 -17.38
N LYS A 430 -8.27 27.25 -18.04
CA LYS A 430 -7.74 28.47 -18.61
C LYS A 430 -8.09 28.64 -20.09
N THR A 431 -8.43 27.53 -20.78
CA THR A 431 -8.77 27.59 -22.21
C THR A 431 -10.31 27.64 -22.44
N ILE A 432 -11.02 26.52 -22.19
CA ILE A 432 -12.49 26.44 -22.34
C ILE A 432 -13.24 27.06 -21.13
N GLY A 433 -12.52 27.29 -20.01
CA GLY A 433 -13.11 27.79 -18.77
C GLY A 433 -13.50 26.63 -17.87
N PRO A 434 -13.70 26.92 -16.58
CA PRO A 434 -14.13 25.87 -15.66
C PRO A 434 -15.63 25.61 -15.82
N ASP A 435 -16.07 24.38 -15.53
CA ASP A 435 -17.49 24.04 -15.59
C ASP A 435 -18.26 24.86 -14.54
N MET A 436 -17.64 25.05 -13.36
CA MET A 436 -18.27 25.78 -12.27
C MET A 436 -17.29 26.81 -11.71
N PHE A 437 -17.76 28.03 -11.38
CA PHE A 437 -16.92 29.11 -10.80
C PHE A 437 -17.60 29.71 -9.57
N LEU A 438 -16.92 29.67 -8.36
CA LEU A 438 -17.45 30.26 -7.13
C LEU A 438 -17.00 31.75 -7.16
N GLY A 439 -17.90 32.65 -7.47
CA GLY A 439 -17.57 34.06 -7.69
C GLY A 439 -17.69 35.02 -6.54
N THR A 440 -17.93 34.53 -5.32
CA THR A 440 -18.03 35.42 -4.17
C THR A 440 -17.05 35.04 -3.08
N CYS A 441 -16.11 35.94 -2.80
CA CYS A 441 -15.10 35.75 -1.77
C CYS A 441 -15.67 36.21 -0.44
N ARG A 442 -15.86 35.30 0.50
CA ARG A 442 -16.40 35.62 1.81
C ARG A 442 -15.33 35.87 2.88
N ARG A 443 -14.05 35.62 2.57
CA ARG A 443 -12.97 35.77 3.53
C ARG A 443 -12.35 37.16 3.64
N CYS A 444 -11.98 37.74 2.50
CA CYS A 444 -11.15 38.93 2.48
C CYS A 444 -11.88 40.21 2.53
N PRO A 445 -11.26 41.23 3.20
CA PRO A 445 -11.83 42.60 3.12
C PRO A 445 -11.86 43.04 1.65
N ALA A 446 -12.85 43.83 1.26
CA ALA A 446 -12.99 44.26 -0.13
C ALA A 446 -11.71 44.80 -0.81
N GLU A 447 -10.82 45.54 -0.11
CA GLU A 447 -9.57 46.04 -0.72
C GLU A 447 -8.76 44.93 -1.41
N ILE A 448 -8.63 43.78 -0.73
CA ILE A 448 -7.92 42.60 -1.23
C ILE A 448 -8.71 41.92 -2.36
N VAL A 449 -10.03 41.77 -2.19
CA VAL A 449 -10.85 41.14 -3.22
C VAL A 449 -10.81 41.95 -4.55
N ASP A 450 -10.88 43.29 -4.46
CA ASP A 450 -10.85 44.16 -5.64
C ASP A 450 -9.50 44.10 -6.35
N THR A 451 -8.40 43.96 -5.57
CA THR A 451 -7.04 43.87 -6.10
C THR A 451 -6.82 42.56 -6.87
N VAL A 452 -7.16 41.38 -6.27
CA VAL A 452 -6.95 40.10 -6.95
C VAL A 452 -7.99 39.85 -8.04
N SER A 453 -9.20 40.42 -7.92
CA SER A 453 -10.23 40.30 -8.96
C SER A 453 -9.68 40.89 -10.27
N ALA A 454 -9.13 42.13 -10.20
CA ALA A 454 -8.54 42.78 -11.37
C ALA A 454 -7.23 42.06 -11.83
N LEU A 455 -6.38 41.68 -10.87
CA LEU A 455 -5.11 41.03 -11.14
C LEU A 455 -5.20 39.67 -11.83
N VAL A 456 -5.96 38.70 -11.27
CA VAL A 456 -5.98 37.33 -11.85
C VAL A 456 -7.35 36.77 -12.20
N TYR A 457 -8.45 37.42 -11.83
CA TYR A 457 -9.79 36.86 -12.05
C TYR A 457 -10.64 37.58 -13.10
N ASP A 458 -10.04 38.43 -13.94
CA ASP A 458 -10.76 39.18 -14.96
C ASP A 458 -11.99 39.95 -14.43
N ASN A 459 -11.90 40.50 -13.22
CA ASN A 459 -12.96 41.26 -12.59
C ASN A 459 -14.22 40.46 -12.29
N LYS A 460 -14.11 39.13 -12.23
CA LYS A 460 -15.25 38.22 -11.96
C LYS A 460 -15.39 37.82 -10.49
N LEU A 461 -14.36 38.09 -9.67
CA LEU A 461 -14.44 37.77 -8.26
C LEU A 461 -15.10 38.96 -7.56
N LYS A 462 -16.11 38.69 -6.74
CA LYS A 462 -16.81 39.73 -6.01
C LYS A 462 -16.56 39.66 -4.50
N ALA A 463 -16.60 40.82 -3.80
CA ALA A 463 -16.36 40.83 -2.36
C ALA A 463 -17.65 40.73 -1.61
N HIS A 464 -17.68 39.87 -0.61
CA HIS A 464 -18.84 39.74 0.27
C HIS A 464 -18.65 40.73 1.44
N LYS A 465 -17.43 40.78 2.02
CA LYS A 465 -17.15 41.70 3.11
C LYS A 465 -16.99 43.12 2.59
N ASP A 466 -17.16 44.11 3.47
CA ASP A 466 -16.94 45.51 3.12
C ASP A 466 -15.39 45.73 3.18
N LYS A 467 -14.94 46.93 2.80
CA LYS A 467 -13.55 47.32 2.96
C LYS A 467 -13.29 47.37 4.50
N SER A 468 -12.24 46.73 4.97
CA SER A 468 -11.92 46.70 6.39
C SER A 468 -11.24 47.98 6.89
N ALA A 469 -10.65 48.80 5.96
CA ALA A 469 -9.83 49.99 6.27
C ALA A 469 -8.59 49.63 7.11
N GLN A 470 -8.15 48.36 7.00
CA GLN A 470 -7.01 47.79 7.68
C GLN A 470 -6.05 47.09 6.69
N CYS A 471 -6.05 47.52 5.40
CA CYS A 471 -5.22 46.99 4.35
C CYS A 471 -4.31 48.10 3.94
N PHE A 472 -3.03 47.95 4.28
CA PHE A 472 -1.97 48.94 4.06
C PHE A 472 -0.88 48.45 3.13
N LYS A 473 -0.24 49.41 2.46
CA LYS A 473 0.84 49.13 1.51
C LYS A 473 1.97 50.15 1.72
N MET A 474 3.23 49.69 1.68
CA MET A 474 4.37 50.58 1.83
C MET A 474 5.39 50.24 0.80
N PHE A 475 5.79 51.24 0.04
CA PHE A 475 6.78 51.03 -1.00
C PHE A 475 8.13 51.24 -0.31
N TYR A 476 8.87 50.15 -0.10
CA TYR A 476 10.14 50.23 0.62
C TYR A 476 11.14 49.16 0.16
N LYS A 477 12.09 49.54 -0.73
CA LYS A 477 12.99 48.51 -1.29
C LYS A 477 14.01 47.93 -0.29
N GLY A 478 14.40 48.71 0.72
CA GLY A 478 15.34 48.27 1.75
C GLY A 478 16.66 47.78 1.19
N VAL A 479 17.20 46.69 1.76
CA VAL A 479 18.49 46.11 1.38
C VAL A 479 18.35 44.60 1.26
N ILE A 480 18.78 44.06 0.13
CA ILE A 480 18.66 42.65 -0.11
C ILE A 480 19.95 41.92 0.11
N THR A 481 19.93 41.07 1.10
CA THR A 481 21.05 40.20 1.39
C THR A 481 20.63 38.76 1.00
N HIS A 482 21.55 37.80 0.99
CA HIS A 482 21.20 36.45 0.59
C HIS A 482 21.87 35.36 1.41
N ASP A 483 21.05 34.46 1.94
CA ASP A 483 21.50 33.26 2.61
C ASP A 483 21.53 32.27 1.44
N VAL A 484 22.67 32.20 0.74
CA VAL A 484 22.90 31.38 -0.47
C VAL A 484 22.18 32.08 -1.67
N SER A 485 20.88 31.80 -1.89
CA SER A 485 20.00 32.35 -2.93
C SER A 485 18.63 32.79 -2.33
N SER A 486 18.26 32.20 -1.15
CA SER A 486 17.09 32.59 -0.41
C SER A 486 17.43 34.00 0.15
N ALA A 487 16.56 34.97 -0.12
CA ALA A 487 16.76 36.38 0.15
C ALA A 487 16.26 36.88 1.51
N ILE A 488 16.91 37.91 2.04
CA ILE A 488 16.57 38.58 3.28
C ILE A 488 16.53 40.08 3.01
N ASN A 489 15.64 40.79 3.68
CA ASN A 489 15.51 42.22 3.61
C ASN A 489 15.30 42.70 5.04
N ARG A 490 16.41 42.91 5.77
CA ARG A 490 16.34 43.39 7.15
C ARG A 490 15.65 44.76 7.28
N PRO A 491 15.91 45.77 6.40
CA PRO A 491 15.18 47.04 6.54
C PRO A 491 13.64 46.88 6.37
N GLN A 492 13.17 45.90 5.55
CA GLN A 492 11.74 45.67 5.43
C GLN A 492 11.17 45.09 6.72
N ILE A 493 11.93 44.23 7.42
CA ILE A 493 11.53 43.71 8.73
C ILE A 493 11.59 44.84 9.81
N GLY A 494 12.50 45.79 9.63
CA GLY A 494 12.64 46.92 10.51
C GLY A 494 11.44 47.84 10.41
N VAL A 495 10.94 48.04 9.18
CA VAL A 495 9.75 48.85 8.95
C VAL A 495 8.51 48.19 9.66
N VAL A 496 8.42 46.83 9.61
CA VAL A 496 7.37 46.04 10.25
C VAL A 496 7.42 46.20 11.77
N ARG A 497 8.62 46.10 12.33
CA ARG A 497 8.85 46.24 13.77
C ARG A 497 8.36 47.62 14.26
N GLU A 498 8.65 48.67 13.47
CA GLU A 498 8.24 50.06 13.73
C GLU A 498 6.72 50.22 13.70
N PHE A 499 6.09 49.55 12.73
CA PHE A 499 4.65 49.51 12.52
C PHE A 499 3.95 48.78 13.69
N LEU A 500 4.52 47.65 14.14
CA LEU A 500 3.94 46.89 15.23
C LEU A 500 3.87 47.70 16.55
N THR A 501 4.87 48.57 16.80
CA THR A 501 4.87 49.39 18.01
C THR A 501 3.70 50.40 17.97
N ARG A 502 3.42 50.94 16.80
CA ARG A 502 2.33 51.89 16.60
C ARG A 502 0.95 51.23 16.39
N ASN A 503 0.92 49.93 16.07
CA ASN A 503 -0.29 49.18 15.76
C ASN A 503 -0.30 47.85 16.51
N PRO A 504 -0.36 47.91 17.85
CA PRO A 504 -0.28 46.69 18.65
C PRO A 504 -1.34 45.63 18.40
N ALA A 505 -2.46 46.01 17.76
CA ALA A 505 -3.49 45.03 17.38
C ALA A 505 -2.90 43.93 16.45
N TRP A 506 -1.91 44.34 15.63
CA TRP A 506 -1.21 43.49 14.68
C TRP A 506 -0.23 42.54 15.31
N ARG A 507 -0.09 42.56 16.67
CA ARG A 507 0.75 41.65 17.43
C ARG A 507 0.37 40.19 17.16
N LYS A 508 -0.88 39.93 16.76
CA LYS A 508 -1.48 38.64 16.45
C LYS A 508 -1.32 38.24 14.93
N ALA A 509 -0.60 39.06 14.13
CA ALA A 509 -0.42 38.82 12.70
C ALA A 509 0.53 37.69 12.37
N VAL A 510 0.27 37.03 11.25
CA VAL A 510 1.14 36.02 10.67
C VAL A 510 2.02 36.77 9.71
N PHE A 511 3.35 36.57 9.81
CA PHE A 511 4.35 37.16 8.93
C PHE A 511 4.50 36.22 7.71
N ILE A 512 4.35 36.76 6.51
CA ILE A 512 4.47 36.06 5.26
C ILE A 512 5.47 36.73 4.31
N SER A 513 6.33 35.95 3.67
CA SER A 513 7.26 36.47 2.68
C SER A 513 7.48 35.37 1.65
N PRO A 514 8.03 35.69 0.46
CA PRO A 514 8.28 34.63 -0.53
C PRO A 514 9.55 33.78 -0.23
N TYR A 515 10.29 34.11 0.84
CA TYR A 515 11.57 33.48 1.19
C TYR A 515 11.64 32.98 2.62
N ASN A 516 12.08 31.74 2.79
CA ASN A 516 12.21 31.13 4.12
C ASN A 516 13.32 31.77 4.96
N SER A 517 14.37 32.30 4.32
CA SER A 517 15.44 32.96 5.05
C SER A 517 14.98 34.30 5.62
N GLN A 518 14.13 35.03 4.88
CA GLN A 518 13.52 36.28 5.34
C GLN A 518 12.64 35.99 6.58
N ASN A 519 11.86 34.89 6.51
CA ASN A 519 10.96 34.39 7.53
C ASN A 519 11.73 34.06 8.82
N ALA A 520 12.90 33.44 8.71
CA ALA A 520 13.77 33.08 9.85
C ALA A 520 14.25 34.35 10.56
N VAL A 521 14.65 35.36 9.78
CA VAL A 521 15.07 36.64 10.34
C VAL A 521 13.88 37.35 11.03
N ALA A 522 12.70 37.37 10.38
CA ALA A 522 11.51 38.02 10.95
C ALA A 522 10.98 37.30 12.20
N SER A 523 11.20 35.98 12.30
CA SER A 523 10.76 35.22 13.46
C SER A 523 11.56 35.65 14.70
N LYS A 524 12.87 35.82 14.56
CA LYS A 524 13.76 36.22 15.64
C LYS A 524 13.55 37.72 16.02
N ILE A 525 13.39 38.60 15.03
CA ILE A 525 13.22 40.04 15.28
C ILE A 525 11.81 40.43 15.73
N LEU A 526 10.77 39.88 15.06
CA LEU A 526 9.38 40.24 15.37
C LEU A 526 8.70 39.30 16.35
N GLY A 527 9.09 38.03 16.32
CA GLY A 527 8.48 37.02 17.15
C GLY A 527 7.15 36.51 16.63
N LEU A 528 6.67 37.04 15.45
CA LEU A 528 5.42 36.63 14.82
C LEU A 528 5.55 35.25 14.25
N PRO A 529 4.45 34.46 14.20
CA PRO A 529 4.49 33.19 13.47
C PRO A 529 4.74 33.47 11.98
N THR A 530 5.43 32.56 11.34
CA THR A 530 5.97 32.75 10.00
C THR A 530 5.46 31.70 9.00
N GLN A 531 5.21 32.14 7.78
CA GLN A 531 4.74 31.27 6.72
C GLN A 531 5.30 31.79 5.39
N THR A 532 5.80 30.90 4.50
CA THR A 532 6.19 31.34 3.15
C THR A 532 4.87 31.46 2.41
N VAL A 533 4.83 32.21 1.28
CA VAL A 533 3.58 32.29 0.49
C VAL A 533 3.09 30.86 0.07
N ASP A 534 4.02 30.02 -0.37
CA ASP A 534 3.74 28.66 -0.82
C ASP A 534 3.16 27.78 0.30
N SER A 535 3.65 27.92 1.55
CA SER A 535 3.08 27.13 2.65
C SER A 535 1.78 27.76 3.27
N SER A 536 1.50 29.03 2.96
CA SER A 536 0.29 29.70 3.45
C SER A 536 -0.96 29.35 2.64
N GLN A 537 -0.78 28.80 1.42
CA GLN A 537 -1.87 28.43 0.51
C GLN A 537 -2.84 27.48 1.19
N GLY A 538 -4.12 27.84 1.10
CA GLY A 538 -5.24 27.13 1.70
C GLY A 538 -5.59 27.56 3.12
N SER A 539 -4.68 28.31 3.79
CA SER A 539 -4.85 28.80 5.16
C SER A 539 -5.38 30.25 5.19
N GLU A 540 -5.98 30.65 6.31
CA GLU A 540 -6.46 32.01 6.48
C GLU A 540 -6.12 32.48 7.86
N TYR A 541 -5.85 33.78 7.96
CA TYR A 541 -5.42 34.45 9.17
C TYR A 541 -6.11 35.81 9.26
N ASP A 542 -6.50 36.29 10.45
CA ASP A 542 -7.16 37.59 10.60
C ASP A 542 -6.25 38.69 10.08
N TYR A 543 -4.96 38.62 10.46
CA TYR A 543 -4.00 39.65 10.05
C TYR A 543 -2.81 39.05 9.38
N VAL A 544 -2.36 39.68 8.32
CA VAL A 544 -1.19 39.23 7.56
C VAL A 544 -0.21 40.37 7.39
N ILE A 545 1.08 40.09 7.59
CA ILE A 545 2.12 41.06 7.31
C ILE A 545 2.97 40.44 6.26
N PHE A 546 2.97 41.04 5.07
CA PHE A 546 3.72 40.52 3.95
C PHE A 546 4.89 41.42 3.57
N THR A 547 6.13 40.89 3.54
CA THR A 547 7.27 41.67 3.02
C THR A 547 7.66 41.01 1.69
N GLN A 548 7.62 41.75 0.59
CA GLN A 548 7.97 41.19 -0.71
C GLN A 548 9.41 40.73 -0.78
N THR A 549 10.31 41.31 0.04
CA THR A 549 11.77 40.98 0.16
C THR A 549 12.59 41.42 -1.09
N THR A 550 12.26 40.90 -2.29
CA THR A 550 12.96 41.21 -3.54
C THR A 550 11.97 41.66 -4.65
N GLU A 551 12.54 42.07 -5.81
CA GLU A 551 11.87 42.40 -7.05
C GLU A 551 12.20 41.30 -8.09
N THR A 552 12.28 40.05 -7.67
CA THR A 552 12.57 38.94 -8.59
C THR A 552 11.31 38.44 -9.34
N ALA A 553 11.47 37.52 -10.28
CA ALA A 553 10.36 36.88 -10.96
C ALA A 553 9.54 36.02 -9.95
N HIS A 554 10.21 35.46 -8.91
CA HIS A 554 9.60 34.66 -7.84
C HIS A 554 8.70 35.50 -6.95
N SER A 555 9.23 36.62 -6.44
CA SER A 555 8.45 37.46 -5.54
C SER A 555 7.38 38.28 -6.28
N CYS A 556 7.52 38.46 -7.62
CA CYS A 556 6.53 39.14 -8.44
C CYS A 556 5.57 38.21 -9.16
N ASN A 557 5.68 36.87 -8.98
CA ASN A 557 4.75 35.95 -9.61
C ASN A 557 3.30 36.32 -9.21
N VAL A 558 2.42 36.64 -10.20
CA VAL A 558 1.09 37.16 -9.85
C VAL A 558 0.26 36.14 -9.07
N ASN A 559 0.50 34.82 -9.27
CA ASN A 559 -0.21 33.74 -8.57
C ASN A 559 0.24 33.70 -7.12
N ARG A 560 1.55 33.87 -6.88
CA ARG A 560 2.12 33.89 -5.52
C ARG A 560 1.61 35.16 -4.83
N PHE A 561 1.57 36.30 -5.56
CA PHE A 561 1.06 37.54 -5.04
C PHE A 561 -0.40 37.46 -4.61
N ASN A 562 -1.21 36.79 -5.45
CA ASN A 562 -2.62 36.53 -5.25
C ASN A 562 -2.79 35.69 -3.97
N VAL A 563 -2.01 34.61 -3.81
CA VAL A 563 -2.11 33.77 -2.61
C VAL A 563 -1.73 34.59 -1.38
N ALA A 564 -0.60 35.30 -1.44
CA ALA A 564 -0.10 36.07 -0.33
C ALA A 564 -1.11 37.03 0.27
N ILE A 565 -1.77 37.85 -0.57
CA ILE A 565 -2.69 38.84 -0.05
C ILE A 565 -4.08 38.26 0.28
N THR A 566 -4.47 37.11 -0.32
CA THR A 566 -5.78 36.52 -0.02
C THR A 566 -5.79 35.62 1.25
N ARG A 567 -4.74 35.66 2.07
CA ARG A 567 -4.71 34.89 3.34
C ARG A 567 -5.50 35.63 4.44
N ALA A 568 -5.50 36.98 4.39
CA ALA A 568 -6.12 37.91 5.34
C ALA A 568 -7.64 38.00 5.34
N LYS A 569 -8.19 37.85 6.55
CA LYS A 569 -9.62 37.95 6.85
C LYS A 569 -9.99 39.38 7.20
N VAL A 570 -9.11 40.08 7.92
CA VAL A 570 -9.39 41.42 8.42
C VAL A 570 -8.43 42.51 7.87
N GLY A 571 -7.13 42.33 8.10
CA GLY A 571 -6.15 43.31 7.68
C GLY A 571 -4.87 42.70 7.12
N ILE A 572 -4.18 43.52 6.33
CA ILE A 572 -2.92 43.17 5.71
C ILE A 572 -2.00 44.39 5.61
N LEU A 573 -0.71 44.18 5.84
CA LEU A 573 0.29 45.20 5.66
C LEU A 573 1.22 44.62 4.60
N CYS A 574 1.33 45.25 3.43
CA CYS A 574 2.23 44.77 2.36
C CYS A 574 3.39 45.71 2.26
N ILE A 575 4.63 45.24 2.53
CA ILE A 575 5.83 46.04 2.36
C ILE A 575 6.37 45.55 1.03
N MET A 576 6.21 46.37 0.01
CA MET A 576 6.50 46.11 -1.39
C MET A 576 7.84 46.59 -1.91
N SER A 577 8.38 45.82 -2.84
CA SER A 577 9.64 46.12 -3.53
C SER A 577 9.37 46.52 -5.00
N ASP A 578 8.36 45.86 -5.63
CA ASP A 578 7.94 46.03 -7.01
C ASP A 578 6.94 47.17 -7.13
N ARG A 579 7.27 48.24 -7.90
CA ARG A 579 6.38 49.38 -8.12
C ARG A 579 5.07 48.96 -8.78
N ASP A 580 5.15 48.02 -9.70
CA ASP A 580 4.02 47.46 -10.44
C ASP A 580 2.90 46.90 -9.49
N LEU A 581 3.20 45.83 -8.73
CA LEU A 581 2.26 45.21 -7.82
C LEU A 581 1.88 46.17 -6.69
N TYR A 582 2.81 47.07 -6.26
CA TYR A 582 2.48 48.06 -5.23
C TYR A 582 1.33 48.98 -5.75
N ASP A 583 1.45 49.44 -7.00
CA ASP A 583 0.46 50.32 -7.60
C ASP A 583 -0.88 49.60 -7.81
N LYS A 584 -0.84 48.28 -8.11
CA LYS A 584 -2.02 47.47 -8.25
C LYS A 584 -2.74 47.26 -6.90
N LEU A 585 -2.02 47.22 -5.74
CA LEU A 585 -2.68 47.06 -4.45
C LEU A 585 -3.61 48.27 -4.17
N GLN A 586 -4.91 47.97 -4.01
CA GLN A 586 -5.94 48.96 -3.74
C GLN A 586 -6.08 49.08 -2.25
N PHE A 587 -4.94 49.44 -1.59
CA PHE A 587 -4.78 49.58 -0.14
C PHE A 587 -4.44 51.03 0.20
N THR A 588 -4.56 51.37 1.47
CA THR A 588 -4.17 52.68 1.99
C THR A 588 -2.64 52.72 2.09
N SER A 589 -1.99 53.66 1.40
CA SER A 589 -0.54 53.75 1.44
C SER A 589 -0.05 54.35 2.78
N LEU A 590 1.08 53.85 3.32
CA LEU A 590 1.66 54.38 4.55
C LEU A 590 2.99 55.09 4.27
N GLU A 591 3.32 56.12 5.08
CA GLU A 591 4.58 56.85 4.99
C GLU A 591 5.54 56.33 6.09
N ILE A 592 6.88 56.51 5.83
CA ILE A 592 8.15 56.22 6.58
C ILE A 592 9.15 55.57 5.61
N VAL B 2 -26.00 -0.21 -1.32
CA VAL B 2 -26.80 -1.15 -2.11
C VAL B 2 -25.87 -2.13 -2.87
N GLY B 3 -26.27 -3.41 -2.93
CA GLY B 3 -25.49 -4.52 -3.49
C GLY B 3 -26.25 -5.82 -3.66
N ALA B 4 -25.54 -6.95 -3.75
CA ALA B 4 -26.12 -8.27 -3.97
C ALA B 4 -26.08 -9.17 -2.73
N CYS B 5 -27.12 -10.02 -2.58
CA CYS B 5 -27.29 -10.96 -1.47
C CYS B 5 -26.20 -12.02 -1.43
N VAL B 6 -25.53 -12.20 -0.29
CA VAL B 6 -24.50 -13.22 -0.14
C VAL B 6 -25.06 -14.67 -0.22
N LEU B 7 -26.39 -14.85 -0.10
CA LEU B 7 -26.97 -16.19 -0.13
C LEU B 7 -27.73 -16.51 -1.41
N CYS B 8 -28.36 -15.49 -1.98
CA CYS B 8 -29.27 -15.54 -3.10
C CYS B 8 -28.74 -14.96 -4.37
N ASN B 9 -27.94 -13.92 -4.22
CA ASN B 9 -27.48 -13.01 -5.26
C ASN B 9 -28.52 -11.91 -5.57
N SER B 10 -29.79 -12.08 -5.11
CA SER B 10 -30.89 -11.15 -5.31
C SER B 10 -30.48 -9.72 -4.89
N GLN B 11 -30.60 -8.74 -5.81
CA GLN B 11 -30.26 -7.35 -5.56
C GLN B 11 -30.98 -6.81 -4.31
N THR B 12 -30.30 -6.04 -3.43
CA THR B 12 -30.97 -5.52 -2.23
C THR B 12 -30.38 -4.26 -1.61
N SER B 13 -31.23 -3.51 -0.89
CA SER B 13 -30.88 -2.33 -0.11
C SER B 13 -30.43 -2.72 1.34
N LEU B 14 -30.68 -3.99 1.76
CA LEU B 14 -30.43 -4.48 3.10
C LEU B 14 -29.08 -5.16 3.35
N ARG B 15 -28.47 -4.84 4.50
CA ARG B 15 -27.24 -5.41 5.03
C ARG B 15 -27.52 -5.76 6.47
N CYS B 16 -26.96 -6.90 6.98
CA CYS B 16 -27.14 -7.21 8.41
C CYS B 16 -26.19 -6.33 9.22
N GLY B 17 -26.73 -5.51 10.09
CA GLY B 17 -25.94 -4.60 10.93
C GLY B 17 -25.31 -5.29 12.13
N ALA B 18 -25.81 -6.51 12.51
CA ALA B 18 -25.24 -7.26 13.62
C ALA B 18 -24.10 -8.21 13.18
N CYS B 19 -24.00 -8.47 11.86
CA CYS B 19 -22.90 -9.26 11.29
C CYS B 19 -21.69 -8.31 11.25
N ILE B 20 -20.50 -8.84 11.51
CA ILE B 20 -19.26 -8.00 11.48
C ILE B 20 -18.93 -7.57 10.04
N ARG B 21 -19.24 -8.41 9.05
CA ARG B 21 -18.92 -8.08 7.63
C ARG B 21 -20.10 -7.32 7.00
N ARG B 22 -21.20 -7.17 7.73
CA ARG B 22 -22.41 -6.46 7.22
C ARG B 22 -22.83 -7.01 5.86
N PRO B 23 -23.09 -8.34 5.67
CA PRO B 23 -23.40 -8.87 4.35
C PRO B 23 -24.69 -8.33 3.79
N PHE B 24 -24.72 -8.13 2.47
CA PHE B 24 -25.96 -7.73 1.81
C PHE B 24 -26.86 -8.98 1.83
N LEU B 25 -28.09 -8.81 2.34
CA LEU B 25 -29.12 -9.82 2.44
C LEU B 25 -30.40 -9.28 1.78
N CYS B 26 -31.04 -10.12 0.95
CA CYS B 26 -32.27 -9.72 0.28
C CYS B 26 -33.44 -9.75 1.23
N CYS B 27 -34.59 -9.16 0.85
CA CYS B 27 -35.79 -9.12 1.69
C CYS B 27 -36.14 -10.49 2.28
N LYS B 28 -36.04 -11.53 1.45
CA LYS B 28 -36.32 -12.90 1.87
C LYS B 28 -35.28 -13.45 2.87
N CYS B 29 -33.97 -13.49 2.49
CA CYS B 29 -32.89 -14.06 3.34
C CYS B 29 -32.58 -13.23 4.59
N CYS B 30 -32.84 -11.93 4.52
CA CYS B 30 -32.64 -11.05 5.63
C CYS B 30 -33.63 -11.38 6.72
N TYR B 31 -34.91 -11.66 6.33
CA TYR B 31 -35.97 -12.03 7.25
C TYR B 31 -35.62 -13.35 7.93
N ASP B 32 -35.28 -14.38 7.14
CA ASP B 32 -34.93 -15.69 7.67
C ASP B 32 -33.74 -15.61 8.63
N HIS B 33 -32.83 -14.62 8.43
CA HIS B 33 -31.66 -14.44 9.29
C HIS B 33 -32.05 -13.76 10.61
N VAL B 34 -32.73 -12.57 10.56
CA VAL B 34 -33.18 -11.83 11.74
C VAL B 34 -34.16 -12.64 12.61
N ILE B 35 -35.05 -13.47 12.02
CA ILE B 35 -35.98 -14.26 12.86
C ILE B 35 -35.30 -15.48 13.50
N SER B 36 -34.16 -15.93 12.97
CA SER B 36 -33.51 -17.13 13.49
C SER B 36 -32.32 -16.85 14.39
N THR B 37 -31.81 -15.62 14.42
CA THR B 37 -30.63 -15.30 15.23
C THR B 37 -30.91 -14.09 16.17
N SER B 38 -29.95 -13.78 17.04
CA SER B 38 -29.99 -12.57 17.86
C SER B 38 -29.72 -11.31 16.97
N HIS B 39 -29.43 -11.48 15.67
CA HIS B 39 -29.12 -10.37 14.79
C HIS B 39 -30.39 -9.67 14.35
N LYS B 40 -30.62 -8.45 14.85
CA LYS B 40 -31.83 -7.71 14.48
C LYS B 40 -31.55 -6.33 13.93
N LEU B 41 -30.28 -5.84 13.98
CA LEU B 41 -30.03 -4.52 13.39
C LEU B 41 -29.94 -4.72 11.88
N VAL B 42 -30.80 -4.03 11.11
CA VAL B 42 -30.81 -4.10 9.66
C VAL B 42 -30.37 -2.74 9.13
N LEU B 43 -29.44 -2.71 8.16
CA LEU B 43 -28.93 -1.47 7.58
C LEU B 43 -29.38 -1.34 6.13
N SER B 44 -29.66 -0.10 5.72
CA SER B 44 -30.04 0.20 4.35
C SER B 44 -29.32 1.52 3.99
N VAL B 45 -29.99 2.50 3.32
CA VAL B 45 -29.45 3.85 3.11
C VAL B 45 -29.27 4.47 4.54
N ASN B 46 -30.31 4.28 5.36
CA ASN B 46 -30.39 4.60 6.77
C ASN B 46 -30.51 3.27 7.54
N PRO B 47 -30.03 3.22 8.80
CA PRO B 47 -30.24 2.01 9.60
C PRO B 47 -31.72 1.94 10.05
N TYR B 48 -32.21 0.72 10.21
CA TYR B 48 -33.58 0.50 10.63
C TYR B 48 -33.53 0.64 12.12
N VAL B 49 -33.69 1.88 12.55
CA VAL B 49 -33.65 2.32 13.94
C VAL B 49 -34.78 3.35 14.16
N CYS B 50 -35.37 3.39 15.38
CA CYS B 50 -36.43 4.34 15.65
C CYS B 50 -35.94 5.80 15.61
N ASN B 51 -36.49 6.56 14.65
CA ASN B 51 -36.18 7.97 14.39
C ASN B 51 -36.70 8.92 15.48
N ALA B 52 -37.54 8.44 16.41
CA ALA B 52 -38.06 9.28 17.48
C ALA B 52 -36.91 9.62 18.42
N PRO B 53 -36.78 10.90 18.80
CA PRO B 53 -35.65 11.32 19.64
C PRO B 53 -35.49 10.57 20.97
N GLY B 54 -34.27 10.12 21.24
CA GLY B 54 -33.94 9.41 22.46
C GLY B 54 -34.52 8.01 22.57
N CYS B 55 -34.92 7.41 21.43
CA CYS B 55 -35.45 6.06 21.43
C CYS B 55 -34.37 5.05 21.05
N ASP B 56 -34.24 3.97 21.83
CA ASP B 56 -33.22 2.96 21.59
C ASP B 56 -33.71 1.69 20.87
N VAL B 57 -34.86 1.76 20.18
CA VAL B 57 -35.35 0.58 19.45
C VAL B 57 -34.60 0.40 18.12
N THR B 58 -33.79 -0.67 18.03
CA THR B 58 -33.00 -1.03 16.84
C THR B 58 -33.43 -2.39 16.23
N ASP B 59 -34.27 -3.16 16.92
CA ASP B 59 -34.76 -4.47 16.47
C ASP B 59 -35.74 -4.25 15.30
N VAL B 60 -35.40 -4.80 14.10
CA VAL B 60 -36.20 -4.69 12.88
C VAL B 60 -37.64 -5.30 13.03
N THR B 61 -37.78 -6.31 13.90
CA THR B 61 -39.09 -6.96 14.15
C THR B 61 -40.02 -6.05 15.03
N GLN B 62 -39.45 -5.07 15.74
CA GLN B 62 -40.15 -4.10 16.57
C GLN B 62 -40.26 -2.71 15.90
N LEU B 63 -39.97 -2.60 14.58
CA LEU B 63 -40.00 -1.33 13.85
C LEU B 63 -40.93 -1.35 12.65
N TYR B 64 -41.36 -0.14 12.23
CA TYR B 64 -42.33 0.18 11.17
C TYR B 64 -41.85 1.38 10.33
N LEU B 65 -42.29 1.47 9.07
CA LEU B 65 -42.00 2.63 8.24
C LEU B 65 -43.17 3.65 8.31
N GLY B 66 -42.93 4.77 8.99
CA GLY B 66 -43.90 5.84 9.17
C GLY B 66 -43.71 7.00 8.21
N GLY B 67 -44.12 6.77 6.96
CA GLY B 67 -44.01 7.75 5.88
C GLY B 67 -42.70 7.57 5.16
N MET B 68 -41.66 8.24 5.67
CA MET B 68 -40.32 8.14 5.13
C MET B 68 -39.24 7.86 6.20
N SER B 69 -39.61 7.96 7.50
CA SER B 69 -38.74 7.68 8.64
C SER B 69 -39.20 6.39 9.38
N TYR B 70 -38.28 5.71 10.08
CA TYR B 70 -38.56 4.44 10.77
C TYR B 70 -38.91 4.69 12.23
N TYR B 71 -39.91 3.99 12.77
CA TYR B 71 -40.33 4.18 14.16
C TYR B 71 -40.70 2.84 14.81
N CYS B 72 -40.65 2.76 16.14
CA CYS B 72 -41.08 1.54 16.85
C CYS B 72 -42.65 1.54 17.05
N LYS B 73 -43.19 0.55 17.78
CA LYS B 73 -44.63 0.48 18.06
C LYS B 73 -45.10 1.69 18.91
N SER B 74 -44.22 2.24 19.81
CA SER B 74 -44.50 3.37 20.70
C SER B 74 -44.45 4.73 20.00
N HIS B 75 -43.76 4.82 18.86
CA HIS B 75 -43.62 6.11 18.18
C HIS B 75 -44.16 6.18 16.78
N LYS B 76 -44.56 5.04 16.19
CA LYS B 76 -45.06 5.02 14.82
C LYS B 76 -46.30 5.91 14.61
N PRO B 77 -46.42 6.56 13.43
CA PRO B 77 -47.64 7.33 13.16
C PRO B 77 -48.83 6.40 12.78
N PRO B 78 -50.08 6.91 12.68
CA PRO B 78 -51.21 6.02 12.34
C PRO B 78 -51.00 5.22 11.05
N ILE B 79 -50.46 5.90 10.02
CA ILE B 79 -50.19 5.27 8.74
C ILE B 79 -48.73 4.82 8.70
N SER B 80 -48.55 3.50 8.85
CA SER B 80 -47.24 2.83 8.86
C SER B 80 -47.39 1.33 8.60
N PHE B 81 -46.40 0.72 7.94
CA PHE B 81 -46.39 -0.73 7.71
C PHE B 81 -45.10 -1.35 8.32
N PRO B 82 -45.21 -2.56 8.88
CA PRO B 82 -44.05 -3.14 9.59
C PRO B 82 -42.89 -3.44 8.66
N LEU B 83 -41.67 -2.99 9.03
CA LEU B 83 -40.44 -3.22 8.23
C LEU B 83 -40.09 -4.69 8.13
N CYS B 84 -40.80 -5.61 8.82
CA CYS B 84 -40.42 -7.00 8.86
C CYS B 84 -41.64 -7.92 9.11
N ALA B 85 -42.31 -8.30 8.05
CA ALA B 85 -43.52 -9.11 8.11
C ALA B 85 -43.73 -9.85 6.79
N ASN B 86 -44.51 -10.94 6.77
CA ASN B 86 -44.80 -11.66 5.51
C ASN B 86 -43.58 -12.44 4.93
N GLY B 87 -42.65 -12.86 5.78
CA GLY B 87 -41.45 -13.58 5.32
C GLY B 87 -40.39 -12.72 4.65
N GLN B 88 -40.52 -11.41 4.78
CA GLN B 88 -39.61 -10.47 4.17
C GLN B 88 -39.35 -9.26 5.08
N VAL B 89 -38.21 -8.60 4.84
CA VAL B 89 -37.83 -7.36 5.50
C VAL B 89 -37.95 -6.26 4.42
N PHE B 90 -38.65 -5.15 4.70
CA PHE B 90 -38.83 -4.06 3.74
C PHE B 90 -37.49 -3.46 3.28
N GLY B 91 -37.34 -3.21 1.99
CA GLY B 91 -36.12 -2.62 1.44
C GLY B 91 -36.29 -2.27 -0.03
N LEU B 92 -35.44 -2.81 -0.87
CA LEU B 92 -35.53 -2.60 -2.31
C LEU B 92 -35.52 -3.95 -3.02
N TYR B 93 -36.09 -3.97 -4.23
CA TYR B 93 -36.08 -5.14 -5.11
C TYR B 93 -36.76 -6.35 -4.47
N LYS B 94 -37.91 -6.12 -3.79
CA LYS B 94 -38.72 -7.15 -3.13
C LYS B 94 -39.45 -8.08 -4.13
N ASN B 95 -39.64 -7.60 -5.36
CA ASN B 95 -40.24 -8.36 -6.44
C ASN B 95 -39.26 -9.47 -6.90
N THR B 96 -37.93 -9.18 -6.88
CA THR B 96 -36.84 -10.11 -7.25
C THR B 96 -36.15 -10.79 -6.02
N CYS B 97 -36.87 -11.64 -5.26
CA CYS B 97 -36.30 -12.38 -4.11
C CYS B 97 -36.52 -13.88 -4.33
N VAL B 98 -35.47 -14.69 -4.11
CA VAL B 98 -35.59 -16.14 -4.33
C VAL B 98 -35.59 -16.96 -3.02
N GLY B 99 -34.68 -16.60 -2.10
CA GLY B 99 -34.53 -17.24 -0.79
C GLY B 99 -33.62 -18.45 -0.79
N SER B 100 -33.52 -19.12 0.35
CA SER B 100 -32.74 -20.34 0.51
C SER B 100 -33.51 -21.27 1.44
N ASP B 101 -33.72 -22.53 1.03
CA ASP B 101 -34.49 -23.55 1.76
C ASP B 101 -34.07 -23.77 3.23
N ASN B 102 -32.76 -23.57 3.52
CA ASN B 102 -32.18 -23.68 4.86
C ASN B 102 -30.97 -22.75 5.04
N VAL B 103 -31.24 -21.47 5.38
CA VAL B 103 -30.30 -20.38 5.69
C VAL B 103 -29.41 -20.69 6.93
N THR B 104 -29.46 -21.95 7.41
CA THR B 104 -28.89 -22.55 8.60
C THR B 104 -27.40 -22.45 8.68
N ASP B 105 -26.67 -22.72 7.57
CA ASP B 105 -25.20 -22.63 7.54
C ASP B 105 -24.72 -21.17 7.62
N PHE B 106 -25.46 -20.23 6.96
CA PHE B 106 -25.13 -18.80 7.01
C PHE B 106 -25.27 -18.29 8.48
N ASN B 107 -26.31 -18.73 9.19
CA ASN B 107 -26.56 -18.30 10.58
C ASN B 107 -25.43 -18.78 11.49
N ALA B 108 -24.95 -20.03 11.30
CA ALA B 108 -23.86 -20.57 12.11
C ALA B 108 -22.52 -19.87 11.84
N ILE B 109 -22.25 -19.49 10.56
CA ILE B 109 -21.03 -18.76 10.22
C ILE B 109 -21.09 -17.34 10.79
N ALA B 110 -22.25 -16.71 10.69
CA ALA B 110 -22.52 -15.33 11.13
C ALA B 110 -22.44 -15.13 12.63
N THR B 111 -22.82 -16.14 13.43
CA THR B 111 -22.91 -16.04 14.90
C THR B 111 -21.81 -16.76 15.71
N CYS B 112 -21.08 -17.74 15.11
CA CYS B 112 -20.02 -18.49 15.81
C CYS B 112 -18.85 -17.62 16.26
N ASP B 113 -18.16 -18.04 17.33
CA ASP B 113 -17.03 -17.30 17.89
C ASP B 113 -15.65 -17.77 17.34
N TRP B 114 -15.64 -18.75 16.41
CA TRP B 114 -14.45 -19.30 15.76
C TRP B 114 -13.47 -19.97 16.74
N THR B 115 -13.96 -20.40 17.92
CA THR B 115 -13.12 -21.08 18.92
C THR B 115 -13.24 -22.62 18.81
N ASN B 116 -14.19 -23.13 18.03
CA ASN B 116 -14.42 -24.56 17.86
C ASN B 116 -13.92 -25.02 16.49
N ALA B 117 -13.48 -26.27 16.39
CA ALA B 117 -12.98 -26.81 15.13
C ALA B 117 -14.13 -26.95 14.10
N GLY B 118 -15.34 -27.26 14.60
CA GLY B 118 -16.56 -27.41 13.82
C GLY B 118 -16.97 -26.16 13.04
N ASP B 119 -16.48 -24.98 13.49
CA ASP B 119 -16.70 -23.68 12.85
C ASP B 119 -15.91 -23.61 11.55
N TYR B 120 -14.64 -24.11 11.59
CA TYR B 120 -13.71 -24.18 10.48
C TYR B 120 -14.11 -25.30 9.51
N ILE B 121 -14.68 -26.41 10.03
CA ILE B 121 -15.16 -27.51 9.21
C ILE B 121 -16.30 -27.02 8.33
N LEU B 122 -17.27 -26.29 8.92
CA LEU B 122 -18.41 -25.70 8.21
C LEU B 122 -17.90 -24.69 7.18
N ALA B 123 -16.97 -23.77 7.56
CA ALA B 123 -16.39 -22.76 6.66
C ALA B 123 -15.64 -23.37 5.44
N ASN B 124 -15.52 -24.70 5.39
CA ASN B 124 -14.85 -25.39 4.30
C ASN B 124 -15.76 -26.42 3.60
N THR B 125 -16.84 -26.85 4.25
CA THR B 125 -17.79 -27.77 3.64
C THR B 125 -19.04 -27.03 3.07
N CYS B 126 -19.21 -25.72 3.37
CA CYS B 126 -20.35 -24.93 2.88
C CYS B 126 -20.22 -24.57 1.39
N THR B 127 -21.21 -23.83 0.84
CA THR B 127 -21.16 -23.39 -0.56
C THR B 127 -19.98 -22.46 -0.80
N GLU B 128 -19.61 -22.25 -2.06
CA GLU B 128 -18.50 -21.40 -2.39
C GLU B 128 -18.68 -19.99 -1.87
N ARG B 129 -19.87 -19.40 -2.06
CA ARG B 129 -20.13 -18.03 -1.58
C ARG B 129 -20.09 -17.90 -0.04
N LEU B 130 -20.42 -19.00 0.64
CA LEU B 130 -20.39 -19.05 2.09
C LEU B 130 -18.98 -19.32 2.63
N LYS B 131 -18.07 -19.90 1.80
CA LYS B 131 -16.65 -20.05 2.16
C LYS B 131 -16.04 -18.63 2.18
N LEU B 132 -16.47 -17.70 1.28
CA LEU B 132 -15.95 -16.32 1.26
C LEU B 132 -16.49 -15.53 2.44
N PHE B 133 -17.76 -15.72 2.78
CA PHE B 133 -18.37 -15.06 3.92
C PHE B 133 -17.68 -15.57 5.21
N ALA B 134 -17.50 -16.90 5.30
CA ALA B 134 -16.82 -17.51 6.44
C ALA B 134 -15.36 -17.00 6.57
N ALA B 135 -14.61 -16.95 5.44
CA ALA B 135 -13.22 -16.49 5.41
C ALA B 135 -13.07 -15.03 5.81
N GLU B 136 -13.97 -14.14 5.36
CA GLU B 136 -13.93 -12.73 5.73
C GLU B 136 -14.28 -12.55 7.21
N THR B 137 -15.34 -13.25 7.67
CA THR B 137 -15.86 -13.14 9.03
C THR B 137 -14.82 -13.61 10.02
N LEU B 138 -14.15 -14.74 9.71
CA LEU B 138 -13.10 -15.29 10.54
C LEU B 138 -11.94 -14.32 10.62
N LYS B 139 -11.47 -13.79 9.48
CA LYS B 139 -10.36 -12.86 9.46
C LYS B 139 -10.65 -11.56 10.17
N ALA B 140 -11.87 -11.05 10.03
CA ALA B 140 -12.24 -9.83 10.73
C ALA B 140 -12.35 -10.10 12.23
N THR B 141 -12.89 -11.29 12.63
CA THR B 141 -12.97 -11.70 14.04
C THR B 141 -11.58 -11.83 14.63
N GLU B 142 -10.62 -12.39 13.89
CA GLU B 142 -9.22 -12.54 14.31
C GLU B 142 -8.53 -11.19 14.48
N GLU B 143 -8.72 -10.19 13.54
CA GLU B 143 -8.09 -8.83 13.58
C GLU B 143 -8.62 -8.01 14.75
N THR B 144 -9.93 -8.12 15.01
CA THR B 144 -10.62 -7.40 16.10
C THR B 144 -10.20 -7.98 17.46
N PHE B 145 -9.99 -9.30 17.53
CA PHE B 145 -9.50 -9.97 18.72
C PHE B 145 -8.11 -9.44 19.10
N LYS B 146 -7.28 -9.02 18.13
CA LYS B 146 -5.97 -8.43 18.43
C LYS B 146 -6.09 -7.12 19.21
N LEU B 147 -7.24 -6.43 19.12
CA LEU B 147 -7.53 -5.18 19.85
C LEU B 147 -7.89 -5.44 21.33
N SER B 148 -8.32 -6.68 21.67
CA SER B 148 -8.68 -7.10 23.04
C SER B 148 -7.50 -7.10 23.98
N TYR B 149 -6.29 -7.33 23.44
CA TYR B 149 -5.06 -7.39 24.19
C TYR B 149 -4.62 -6.02 24.71
N GLY B 150 -3.92 -6.02 25.83
CA GLY B 150 -3.42 -4.81 26.44
C GLY B 150 -2.12 -4.30 25.84
N ILE B 151 -1.91 -2.96 25.92
CA ILE B 151 -0.75 -2.23 25.43
C ILE B 151 0.46 -2.43 26.36
N ALA B 152 1.59 -2.94 25.83
CA ALA B 152 2.80 -3.15 26.61
C ALA B 152 3.69 -1.90 26.51
N THR B 153 4.11 -1.31 27.63
CA THR B 153 4.93 -0.10 27.59
C THR B 153 6.27 -0.37 28.25
N VAL B 154 7.36 0.13 27.63
CA VAL B 154 8.73 0.00 28.14
C VAL B 154 8.85 0.78 29.46
N ARG B 155 9.24 0.07 30.52
CA ARG B 155 9.36 0.59 31.88
C ARG B 155 10.84 0.89 32.21
N GLU B 156 11.72 0.00 31.78
CA GLU B 156 13.14 0.05 32.06
C GLU B 156 13.83 -0.73 30.97
N VAL B 157 14.79 -0.12 30.27
CA VAL B 157 15.51 -0.82 29.21
C VAL B 157 16.67 -1.61 29.82
N LEU B 158 16.36 -2.57 30.73
CA LEU B 158 17.26 -3.46 31.50
C LEU B 158 18.70 -3.55 30.95
N SER B 159 18.82 -4.00 29.71
CA SER B 159 20.06 -4.10 28.94
C SER B 159 19.62 -4.06 27.45
N ASP B 160 20.53 -4.39 26.52
CA ASP B 160 20.14 -4.48 25.12
C ASP B 160 19.47 -5.87 24.91
N ARG B 161 18.58 -5.98 23.90
CA ARG B 161 17.82 -7.19 23.58
C ARG B 161 16.86 -7.63 24.72
N GLU B 162 16.82 -6.88 25.84
CA GLU B 162 15.96 -7.18 26.99
C GLU B 162 15.25 -5.94 27.54
N LEU B 163 13.97 -6.12 27.93
CA LEU B 163 13.11 -5.06 28.44
C LEU B 163 12.40 -5.41 29.77
N HIS B 164 11.86 -4.40 30.42
CA HIS B 164 11.02 -4.55 31.60
C HIS B 164 9.70 -3.97 31.11
N LEU B 165 8.67 -4.82 30.91
CA LEU B 165 7.41 -4.31 30.36
C LEU B 165 6.32 -4.05 31.40
N SER B 166 5.54 -2.99 31.12
CA SER B 166 4.42 -2.52 31.93
C SER B 166 3.12 -2.73 31.12
N TRP B 167 2.30 -3.71 31.53
CA TRP B 167 1.08 -4.05 30.80
C TRP B 167 -0.16 -3.24 31.19
N GLU B 168 -1.13 -3.15 30.27
CA GLU B 168 -2.38 -2.42 30.47
C GLU B 168 -3.30 -3.16 31.46
N VAL B 169 -4.02 -2.39 32.29
CA VAL B 169 -4.96 -2.90 33.29
C VAL B 169 -6.34 -3.10 32.63
N GLY B 170 -7.03 -4.18 33.00
CA GLY B 170 -8.35 -4.47 32.44
C GLY B 170 -8.35 -5.26 31.15
N LYS B 171 -7.19 -5.31 30.46
CA LYS B 171 -7.09 -6.03 29.19
C LYS B 171 -6.07 -7.19 29.30
N PRO B 172 -6.46 -8.40 28.82
CA PRO B 172 -5.54 -9.55 28.91
C PRO B 172 -4.22 -9.35 28.18
N ARG B 173 -3.19 -10.14 28.54
CA ARG B 173 -1.89 -10.03 27.89
C ARG B 173 -1.72 -11.16 26.86
N PRO B 174 -1.28 -10.79 25.65
CA PRO B 174 -1.11 -11.81 24.60
C PRO B 174 0.04 -12.77 24.85
N PRO B 175 -0.04 -14.00 24.29
CA PRO B 175 1.08 -14.95 24.45
C PRO B 175 2.39 -14.37 23.93
N LEU B 176 3.50 -14.55 24.66
CA LEU B 176 4.78 -13.99 24.23
C LEU B 176 5.70 -14.98 23.46
N ASN B 177 5.36 -15.29 22.18
CA ASN B 177 6.14 -16.16 21.27
C ASN B 177 6.35 -15.53 19.87
N ARG B 178 7.08 -16.21 18.95
CA ARG B 178 7.30 -15.66 17.60
C ARG B 178 5.98 -15.54 16.78
N ASN B 179 4.93 -16.29 17.17
CA ASN B 179 3.59 -16.30 16.56
C ASN B 179 2.79 -15.00 16.81
N TYR B 180 3.29 -14.10 17.66
CA TYR B 180 2.65 -12.82 17.94
C TYR B 180 3.63 -11.65 17.64
N VAL B 181 3.44 -10.97 16.48
CA VAL B 181 4.31 -9.85 16.09
C VAL B 181 3.69 -8.48 16.46
N PHE B 182 4.42 -7.71 17.28
CA PHE B 182 4.06 -6.39 17.81
C PHE B 182 4.56 -5.27 16.94
N THR B 183 4.21 -4.04 17.27
CA THR B 183 4.71 -2.87 16.56
C THR B 183 5.02 -1.85 17.59
N GLY B 184 6.25 -1.37 17.59
CA GLY B 184 6.66 -0.34 18.51
C GLY B 184 6.17 1.02 18.07
N TYR B 185 6.02 1.93 19.00
CA TYR B 185 5.61 3.32 18.77
C TYR B 185 6.37 4.26 19.71
N ARG B 186 6.74 5.47 19.25
CA ARG B 186 7.41 6.48 20.08
C ARG B 186 6.45 7.67 20.37
N VAL B 187 6.28 8.06 21.63
CA VAL B 187 5.32 9.08 22.06
C VAL B 187 5.64 10.46 21.53
N THR B 188 5.11 10.87 20.35
CA THR B 188 5.40 12.23 19.83
C THR B 188 4.53 13.30 20.54
N LYS B 189 4.90 14.59 20.39
CA LYS B 189 4.21 15.71 21.02
C LYS B 189 2.66 15.64 20.94
N ASN B 190 2.10 15.37 19.75
CA ASN B 190 0.65 15.31 19.50
C ASN B 190 0.09 13.97 18.95
N SER B 191 0.97 12.99 18.58
CA SER B 191 0.54 11.67 18.08
C SER B 191 1.64 10.58 18.38
N LYS B 192 1.68 9.45 17.61
CA LYS B 192 2.66 8.37 17.78
C LYS B 192 3.38 8.03 16.46
N VAL B 193 4.69 7.69 16.52
CA VAL B 193 5.42 7.32 15.31
C VAL B 193 5.88 5.83 15.38
N GLN B 194 5.61 5.02 14.30
CA GLN B 194 5.98 3.59 14.26
C GLN B 194 7.49 3.45 14.39
N ILE B 195 7.95 2.53 15.24
CA ILE B 195 9.37 2.25 15.47
C ILE B 195 9.72 0.79 15.06
N GLY B 196 8.94 0.23 14.12
CA GLY B 196 9.17 -1.10 13.60
C GLY B 196 8.39 -2.22 14.26
N GLU B 197 8.51 -3.46 13.73
CA GLU B 197 7.85 -4.64 14.29
C GLU B 197 8.76 -5.36 15.30
N TYR B 198 8.15 -6.04 16.30
CA TYR B 198 8.86 -6.71 17.40
C TYR B 198 8.21 -8.01 17.82
N THR B 199 8.99 -8.96 18.30
CA THR B 199 8.45 -10.16 18.92
C THR B 199 9.11 -10.29 20.28
N PHE B 200 8.44 -10.95 21.22
CA PHE B 200 8.96 -11.09 22.57
C PHE B 200 9.01 -12.56 23.04
N GLU B 201 9.72 -12.79 24.16
CA GLU B 201 9.91 -14.08 24.84
C GLU B 201 10.24 -13.79 26.34
N LYS B 202 9.99 -14.74 27.28
CA LYS B 202 10.25 -14.51 28.70
C LYS B 202 11.76 -14.37 28.99
N GLY B 203 12.12 -13.58 30.01
CA GLY B 203 13.53 -13.36 30.37
C GLY B 203 13.94 -13.94 31.71
N ALA B 208 10.20 -9.19 33.18
CA ALA B 208 11.34 -8.97 32.28
C ALA B 208 11.25 -9.83 31.03
N VAL B 209 11.37 -9.20 29.85
CA VAL B 209 11.23 -9.87 28.54
C VAL B 209 12.49 -9.73 27.64
N VAL B 210 12.55 -10.51 26.55
CA VAL B 210 13.62 -10.55 25.54
C VAL B 210 13.01 -10.25 24.14
N TYR B 211 13.50 -9.21 23.43
CA TYR B 211 12.90 -8.86 22.14
C TYR B 211 13.73 -9.22 20.90
N ARG B 212 13.03 -9.59 19.82
CA ARG B 212 13.65 -9.90 18.54
C ARG B 212 13.07 -8.92 17.51
N GLY B 213 13.42 -7.65 17.69
CA GLY B 213 12.93 -6.58 16.83
C GLY B 213 13.36 -6.68 15.39
N THR B 214 12.41 -6.47 14.46
CA THR B 214 12.60 -6.46 13.00
C THR B 214 13.39 -5.22 12.49
N THR B 215 13.97 -4.44 13.43
CA THR B 215 14.78 -3.24 13.20
C THR B 215 15.58 -2.90 14.46
N THR B 216 16.72 -2.22 14.27
CA THR B 216 17.57 -1.79 15.38
C THR B 216 17.25 -0.34 15.78
N TYR B 217 16.81 -0.16 17.03
CA TYR B 217 16.48 1.15 17.60
C TYR B 217 16.89 1.17 19.06
N LYS B 218 17.36 2.32 19.57
CA LYS B 218 17.71 2.44 20.98
C LYS B 218 16.39 2.76 21.67
N LEU B 219 15.46 1.78 21.66
CA LEU B 219 14.14 1.94 22.23
C LEU B 219 14.24 2.22 23.71
N ASN B 220 13.92 3.46 24.04
CA ASN B 220 13.97 3.97 25.40
C ASN B 220 12.60 3.80 26.07
N VAL B 221 12.58 3.96 27.41
CA VAL B 221 11.40 3.93 28.27
C VAL B 221 10.28 4.80 27.68
N GLY B 222 9.04 4.33 27.78
CA GLY B 222 7.90 5.10 27.29
C GLY B 222 7.35 4.58 25.99
N ASP B 223 8.21 3.94 25.18
CA ASP B 223 7.78 3.36 23.92
C ASP B 223 6.80 2.21 24.21
N TYR B 224 5.81 2.02 23.33
CA TYR B 224 4.81 0.98 23.55
C TYR B 224 4.65 0.04 22.35
N PHE B 225 4.03 -1.13 22.56
CA PHE B 225 3.89 -2.15 21.53
C PHE B 225 2.46 -2.66 21.40
N VAL B 226 1.95 -2.74 20.20
CA VAL B 226 0.59 -3.22 19.95
C VAL B 226 0.62 -4.27 18.81
N LEU B 227 -0.22 -5.30 18.87
CA LEU B 227 -0.31 -6.28 17.79
C LEU B 227 -0.96 -5.60 16.61
N THR B 228 -0.22 -5.41 15.50
CA THR B 228 -0.77 -4.65 14.36
C THR B 228 -1.88 -5.38 13.64
N SER B 229 -3.09 -4.86 13.75
CA SER B 229 -4.21 -5.43 13.05
C SER B 229 -4.50 -4.61 11.79
N HIS B 230 -4.86 -5.30 10.71
CA HIS B 230 -5.12 -4.63 9.46
C HIS B 230 -6.54 -4.76 9.02
N THR B 231 -6.99 -3.79 8.19
CA THR B 231 -8.35 -3.78 7.65
C THR B 231 -8.53 -5.01 6.75
N VAL B 232 -9.62 -5.77 6.96
CA VAL B 232 -9.94 -6.98 6.20
C VAL B 232 -10.81 -6.54 5.01
N MET B 233 -10.29 -6.70 3.78
CA MET B 233 -11.05 -6.25 2.60
C MET B 233 -12.09 -7.33 2.23
N PRO B 234 -13.17 -6.97 1.53
CA PRO B 234 -14.14 -7.97 1.09
C PRO B 234 -13.67 -8.94 0.00
N LEU B 235 -14.11 -10.20 0.04
CA LEU B 235 -13.78 -11.21 -0.94
C LEU B 235 -14.80 -11.20 -2.05
N SER B 236 -14.38 -11.55 -3.27
CA SER B 236 -15.27 -11.57 -4.43
C SER B 236 -15.04 -12.83 -5.29
N ALA B 237 -13.79 -13.18 -5.53
CA ALA B 237 -13.38 -14.35 -6.32
C ALA B 237 -13.50 -15.66 -5.51
N PRO B 238 -13.81 -16.82 -6.17
CA PRO B 238 -13.86 -18.08 -5.40
C PRO B 238 -12.49 -18.54 -4.87
N THR B 239 -12.47 -19.50 -3.93
CA THR B 239 -11.23 -20.04 -3.38
C THR B 239 -10.47 -20.87 -4.44
N LEU B 240 -11.27 -21.59 -5.28
CA LEU B 240 -10.86 -22.39 -6.42
C LEU B 240 -11.72 -22.01 -7.62
N VAL B 241 -11.06 -21.79 -8.76
CA VAL B 241 -11.80 -21.55 -10.00
C VAL B 241 -12.45 -22.88 -10.41
N PRO B 242 -13.42 -22.89 -11.34
CA PRO B 242 -13.98 -24.19 -11.80
C PRO B 242 -12.90 -24.97 -12.57
N GLN B 243 -12.77 -26.26 -12.24
CA GLN B 243 -11.79 -27.10 -12.89
C GLN B 243 -12.13 -27.32 -14.35
N GLU B 244 -11.11 -27.35 -15.21
CA GLU B 244 -11.22 -27.65 -16.64
C GLU B 244 -10.13 -28.67 -16.96
N HIS B 245 -10.48 -29.72 -17.66
CA HIS B 245 -9.50 -30.72 -18.10
C HIS B 245 -9.40 -30.62 -19.60
N TYR B 246 -8.20 -30.65 -20.12
CA TYR B 246 -7.95 -30.49 -21.56
C TYR B 246 -7.32 -31.75 -22.16
N VAL B 247 -7.51 -31.95 -23.45
CA VAL B 247 -6.96 -33.09 -24.18
C VAL B 247 -5.49 -32.83 -24.64
N ARG B 248 -5.07 -31.55 -24.63
CA ARG B 248 -3.73 -31.12 -25.00
C ARG B 248 -3.29 -30.00 -24.08
N ILE B 249 -1.97 -29.74 -24.00
CA ILE B 249 -1.38 -28.63 -23.24
C ILE B 249 -1.92 -27.33 -23.85
N THR B 250 -2.55 -26.47 -23.02
CA THR B 250 -3.22 -25.28 -23.47
C THR B 250 -2.48 -23.97 -23.16
N GLY B 251 -2.19 -23.20 -24.20
CA GLY B 251 -1.55 -21.89 -24.06
C GLY B 251 -0.13 -21.86 -23.53
N LEU B 252 0.48 -23.05 -23.48
CA LEU B 252 1.83 -23.22 -22.98
C LEU B 252 2.64 -23.94 -24.04
N TYR B 253 3.92 -23.59 -24.17
CA TYR B 253 4.78 -24.16 -25.21
C TYR B 253 6.03 -24.83 -24.62
N PRO B 254 6.01 -26.19 -24.59
CA PRO B 254 7.11 -26.95 -24.00
C PRO B 254 8.44 -26.91 -24.74
N THR B 255 9.53 -26.96 -23.95
CA THR B 255 10.86 -26.90 -24.48
C THR B 255 11.19 -28.21 -25.22
N LEU B 256 12.08 -28.14 -26.22
CA LEU B 256 12.52 -29.36 -26.88
C LEU B 256 13.68 -29.96 -26.07
N ASN B 257 14.52 -29.09 -25.48
CA ASN B 257 15.70 -29.51 -24.74
C ASN B 257 15.51 -29.26 -23.29
N ILE B 258 15.45 -30.31 -22.48
CA ILE B 258 15.33 -30.18 -21.03
C ILE B 258 16.57 -30.74 -20.33
N SER B 259 16.97 -30.11 -19.26
CA SER B 259 18.08 -30.55 -18.43
C SER B 259 17.69 -31.86 -17.70
N ASP B 260 18.63 -32.81 -17.47
CA ASP B 260 18.31 -34.06 -16.72
C ASP B 260 17.99 -33.80 -15.21
N GLU B 261 18.27 -32.59 -14.74
CA GLU B 261 17.92 -32.12 -13.41
C GLU B 261 16.37 -31.95 -13.28
N PHE B 262 15.66 -31.68 -14.40
CA PHE B 262 14.20 -31.52 -14.40
C PHE B 262 13.44 -32.55 -15.16
N SER B 263 14.12 -33.58 -15.72
CA SER B 263 13.48 -34.62 -16.48
C SER B 263 12.51 -35.45 -15.64
N SER B 264 12.71 -35.53 -14.32
CA SER B 264 11.80 -36.28 -13.45
C SER B 264 10.41 -35.63 -13.34
N ASN B 265 10.32 -34.33 -13.62
CA ASN B 265 9.03 -33.63 -13.51
C ASN B 265 8.35 -33.35 -14.86
N VAL B 266 8.88 -33.86 -15.98
CA VAL B 266 8.33 -33.62 -17.33
C VAL B 266 6.89 -34.11 -17.46
N ALA B 267 6.60 -35.34 -17.00
CA ALA B 267 5.24 -35.87 -17.05
C ALA B 267 4.27 -34.97 -16.26
N ASN B 268 4.69 -34.52 -15.06
CA ASN B 268 3.89 -33.62 -14.23
C ASN B 268 3.73 -32.22 -14.82
N TYR B 269 4.77 -31.67 -15.49
CA TYR B 269 4.69 -30.36 -16.14
C TYR B 269 3.68 -30.39 -17.28
N GLN B 270 3.53 -31.53 -17.95
CA GLN B 270 2.56 -31.72 -19.04
C GLN B 270 1.16 -31.78 -18.44
N LYS B 271 1.01 -32.51 -17.32
CA LYS B 271 -0.25 -32.56 -16.59
C LYS B 271 -0.70 -31.14 -16.17
N VAL B 272 0.26 -30.27 -15.82
CA VAL B 272 0.02 -28.87 -15.45
C VAL B 272 -0.62 -28.06 -16.63
N GLY B 273 -0.20 -28.33 -17.85
CA GLY B 273 -0.74 -27.68 -19.05
C GLY B 273 -2.04 -28.29 -19.57
N MET B 274 -2.43 -29.46 -19.05
CA MET B 274 -3.65 -30.16 -19.46
C MET B 274 -4.85 -30.07 -18.47
N GLN B 275 -4.78 -29.16 -17.49
CA GLN B 275 -5.89 -28.88 -16.59
C GLN B 275 -5.81 -27.42 -16.13
N LYS B 276 -6.94 -26.83 -15.74
CA LYS B 276 -7.00 -25.43 -15.35
C LYS B 276 -6.15 -25.20 -14.09
N TYR B 277 -6.29 -26.10 -13.13
CA TYR B 277 -5.53 -26.04 -11.93
C TYR B 277 -5.07 -27.43 -11.53
N SER B 278 -3.92 -27.48 -10.82
CA SER B 278 -3.33 -28.74 -10.42
C SER B 278 -2.75 -28.65 -9.03
N THR B 279 -2.87 -29.75 -8.28
CA THR B 279 -2.38 -29.80 -6.92
C THR B 279 -1.11 -30.66 -6.86
N LEU B 280 -0.08 -30.18 -6.15
CA LEU B 280 1.17 -30.92 -5.99
C LEU B 280 1.45 -31.15 -4.51
N GLN B 281 1.38 -32.40 -4.08
CA GLN B 281 1.77 -32.75 -2.74
C GLN B 281 3.25 -33.18 -2.75
N GLY B 282 4.05 -32.38 -2.08
CA GLY B 282 5.46 -32.63 -1.96
C GLY B 282 5.85 -32.74 -0.51
N PRO B 283 6.01 -33.99 -0.05
CA PRO B 283 6.52 -34.21 1.32
C PRO B 283 7.85 -33.48 1.58
N PRO B 284 8.36 -33.48 2.83
CA PRO B 284 9.65 -32.81 3.08
C PRO B 284 10.80 -33.30 2.21
N GLY B 285 11.55 -32.37 1.63
CA GLY B 285 12.75 -32.67 0.86
C GLY B 285 12.56 -33.49 -0.41
N THR B 286 11.37 -33.40 -1.03
CA THR B 286 11.07 -34.11 -2.27
C THR B 286 11.24 -33.25 -3.52
N GLY B 287 11.50 -31.92 -3.37
CA GLY B 287 11.76 -31.01 -4.48
C GLY B 287 10.66 -30.07 -4.96
N LYS B 288 10.01 -29.38 -4.02
CA LYS B 288 8.94 -28.46 -4.38
C LYS B 288 9.48 -27.22 -5.11
N SER B 289 10.52 -26.56 -4.57
CA SER B 289 11.10 -25.37 -5.22
C SER B 289 11.68 -25.74 -6.60
N HIS B 290 12.31 -26.91 -6.67
CA HIS B 290 12.90 -27.45 -7.87
C HIS B 290 11.81 -27.67 -8.93
N PHE B 291 10.66 -28.24 -8.52
CA PHE B 291 9.51 -28.42 -9.41
C PHE B 291 9.00 -27.07 -9.89
N ALA B 292 8.75 -26.13 -8.96
CA ALA B 292 8.24 -24.82 -9.30
C ALA B 292 9.12 -24.05 -10.30
N ILE B 293 10.46 -24.01 -10.09
CA ILE B 293 11.36 -23.26 -10.97
C ILE B 293 11.56 -23.97 -12.33
N GLY B 294 11.64 -25.30 -12.28
CA GLY B 294 11.78 -26.12 -13.49
C GLY B 294 10.58 -26.06 -14.42
N LEU B 295 9.41 -25.67 -13.89
CA LEU B 295 8.21 -25.49 -14.67
C LEU B 295 8.42 -24.33 -15.67
N ALA B 296 9.24 -23.31 -15.29
CA ALA B 296 9.59 -22.16 -16.13
C ALA B 296 10.58 -22.58 -17.24
N LEU B 297 11.46 -23.51 -16.94
CA LEU B 297 12.39 -24.03 -17.92
C LEU B 297 11.63 -24.96 -18.92
N TYR B 298 10.57 -25.62 -18.46
CA TYR B 298 9.76 -26.46 -19.31
C TYR B 298 8.85 -25.65 -20.22
N TYR B 299 8.28 -24.53 -19.74
CA TYR B 299 7.47 -23.64 -20.58
C TYR B 299 8.24 -22.33 -20.64
N PRO B 300 9.30 -22.28 -21.49
CA PRO B 300 10.24 -21.14 -21.45
C PRO B 300 9.67 -19.77 -21.76
N SER B 301 8.64 -19.72 -22.57
CA SER B 301 7.99 -18.46 -23.00
C SER B 301 6.89 -17.98 -22.04
N ALA B 302 6.36 -18.90 -21.19
CA ALA B 302 5.29 -18.67 -20.24
C ALA B 302 5.62 -17.69 -19.12
N ARG B 303 4.73 -16.72 -18.90
CA ARG B 303 4.84 -15.74 -17.82
C ARG B 303 4.34 -16.44 -16.53
N ILE B 304 5.21 -16.55 -15.51
CA ILE B 304 4.84 -17.23 -14.27
C ILE B 304 4.92 -16.31 -13.10
N VAL B 305 3.80 -16.21 -12.38
CA VAL B 305 3.76 -15.47 -11.16
C VAL B 305 3.89 -16.50 -10.02
N TYR B 306 4.91 -16.33 -9.19
CA TYR B 306 5.20 -17.17 -8.04
C TYR B 306 4.71 -16.44 -6.81
N THR B 307 3.85 -17.10 -6.06
CA THR B 307 3.24 -16.53 -4.87
C THR B 307 3.20 -17.55 -3.74
N ALA B 308 3.11 -17.02 -2.51
CA ALA B 308 3.00 -17.74 -1.24
C ALA B 308 2.55 -16.71 -0.17
N CYS B 309 2.09 -17.19 1.00
CA CYS B 309 1.62 -16.29 2.05
C CYS B 309 2.77 -15.52 2.69
N SER B 310 3.85 -16.23 3.04
CA SER B 310 4.98 -15.61 3.73
C SER B 310 6.08 -15.05 2.83
N HIS B 311 6.80 -14.05 3.32
CA HIS B 311 7.96 -13.49 2.62
C HIS B 311 9.06 -14.53 2.50
N ALA B 312 9.26 -15.38 3.54
CA ALA B 312 10.27 -16.44 3.49
C ALA B 312 9.97 -17.49 2.40
N ALA B 313 8.68 -17.83 2.17
CA ALA B 313 8.33 -18.82 1.15
C ALA B 313 8.56 -18.26 -0.24
N VAL B 314 8.25 -16.95 -0.44
CA VAL B 314 8.48 -16.25 -1.71
C VAL B 314 9.99 -16.11 -1.97
N ASP B 315 10.77 -15.77 -0.91
CA ASP B 315 12.23 -15.62 -0.97
C ASP B 315 12.90 -16.94 -1.29
N ALA B 316 12.41 -18.06 -0.74
CA ALA B 316 12.98 -19.36 -1.04
C ALA B 316 12.76 -19.69 -2.55
N LEU B 317 11.62 -19.24 -3.14
CA LEU B 317 11.37 -19.40 -4.59
C LEU B 317 12.34 -18.49 -5.43
N CYS B 318 12.67 -17.30 -4.93
CA CYS B 318 13.62 -16.39 -5.57
C CYS B 318 15.01 -17.00 -5.54
N GLU B 319 15.41 -17.64 -4.42
CA GLU B 319 16.71 -18.26 -4.32
C GLU B 319 16.86 -19.37 -5.32
N LYS B 320 15.83 -20.21 -5.49
CA LYS B 320 15.88 -21.30 -6.47
C LYS B 320 15.83 -20.69 -7.90
N ALA B 321 15.13 -19.57 -8.13
CA ALA B 321 15.07 -18.94 -9.46
C ALA B 321 16.39 -18.27 -9.84
N LEU B 322 17.09 -17.72 -8.88
CA LEU B 322 18.36 -17.05 -9.07
C LEU B 322 19.42 -18.04 -9.64
N LYS B 323 19.31 -19.32 -9.27
CA LYS B 323 20.15 -20.44 -9.68
C LYS B 323 19.84 -20.99 -11.12
N TYR B 324 18.56 -20.92 -11.60
CA TYR B 324 18.19 -21.50 -12.90
C TYR B 324 17.59 -20.56 -13.95
N LEU B 325 17.02 -19.45 -13.52
CA LEU B 325 16.34 -18.53 -14.42
C LEU B 325 17.13 -17.23 -14.62
N PRO B 326 17.00 -16.56 -15.77
CA PRO B 326 17.73 -15.29 -15.97
C PRO B 326 17.26 -14.18 -15.01
N ILE B 327 18.19 -13.56 -14.27
CA ILE B 327 17.90 -12.49 -13.29
C ILE B 327 17.19 -11.29 -13.89
N ASP B 328 17.46 -10.97 -15.15
CA ASP B 328 16.84 -9.82 -15.83
C ASP B 328 15.38 -10.09 -16.27
N LYS B 329 14.90 -11.36 -16.16
CA LYS B 329 13.52 -11.77 -16.43
C LYS B 329 12.70 -11.93 -15.12
N CYS B 330 13.28 -11.59 -13.96
CA CYS B 330 12.68 -11.74 -12.64
C CYS B 330 12.41 -10.40 -11.94
N SER B 331 11.38 -10.39 -11.11
CA SER B 331 11.07 -9.23 -10.29
C SER B 331 10.46 -9.64 -8.95
N ARG B 332 10.98 -9.08 -7.87
CA ARG B 332 10.45 -9.34 -6.54
C ARG B 332 9.51 -8.16 -6.19
N ILE B 333 8.22 -8.44 -6.00
CA ILE B 333 7.24 -7.40 -5.68
C ILE B 333 7.24 -7.21 -4.19
N ILE B 334 7.51 -5.97 -3.75
CA ILE B 334 7.60 -5.58 -2.36
C ILE B 334 6.60 -4.47 -2.07
N PRO B 335 5.66 -4.69 -1.13
CA PRO B 335 4.71 -3.61 -0.78
C PRO B 335 5.47 -2.46 -0.11
N ALA B 336 5.19 -1.19 -0.49
CA ALA B 336 5.90 -0.05 0.12
C ALA B 336 5.64 0.02 1.62
N VAL B 340 9.31 -5.19 5.73
CA VAL B 340 10.11 -6.40 5.98
C VAL B 340 11.33 -6.53 5.05
N GLU B 341 12.42 -7.17 5.52
CA GLU B 341 13.57 -7.38 4.64
C GLU B 341 13.48 -8.72 3.93
N CYS B 342 13.40 -8.67 2.62
CA CYS B 342 13.28 -9.85 1.81
C CYS B 342 14.36 -9.86 0.69
N PHE B 343 14.19 -10.70 -0.33
CA PHE B 343 15.09 -10.90 -1.45
C PHE B 343 15.42 -9.61 -2.17
N ASP B 344 16.72 -9.20 -2.23
CA ASP B 344 17.04 -7.94 -2.93
C ASP B 344 17.91 -8.13 -4.15
N LYS B 345 17.86 -9.32 -4.77
CA LYS B 345 18.69 -9.56 -5.93
C LYS B 345 17.94 -9.36 -7.27
N PHE B 346 16.59 -9.30 -7.25
CA PHE B 346 15.82 -9.05 -8.47
C PHE B 346 15.43 -7.57 -8.55
N LYS B 347 15.04 -7.08 -9.76
CA LYS B 347 14.54 -5.70 -9.89
C LYS B 347 13.23 -5.62 -9.11
N VAL B 348 13.07 -4.60 -8.26
CA VAL B 348 11.89 -4.53 -7.39
C VAL B 348 10.69 -3.81 -8.05
N ASN B 349 9.50 -4.40 -7.84
CA ASN B 349 8.17 -3.88 -8.24
C ASN B 349 7.94 -3.76 -9.75
N SER B 350 8.61 -4.57 -10.57
CA SER B 350 8.39 -4.56 -12.02
C SER B 350 7.37 -5.65 -12.39
N THR B 351 6.06 -5.30 -12.30
CA THR B 351 4.87 -6.14 -12.56
C THR B 351 4.89 -6.88 -13.91
N LEU B 352 5.47 -6.24 -14.95
CA LEU B 352 5.48 -6.85 -16.27
C LEU B 352 6.67 -7.76 -16.56
N GLU B 353 7.47 -8.08 -15.54
CA GLU B 353 8.60 -8.99 -15.71
C GLU B 353 8.07 -10.41 -15.99
N GLN B 354 8.80 -11.23 -16.79
CA GLN B 354 8.30 -12.56 -17.11
C GLN B 354 8.07 -13.43 -15.86
N TYR B 355 8.91 -13.27 -14.83
CA TYR B 355 8.82 -14.02 -13.59
C TYR B 355 8.60 -13.05 -12.47
N VAL B 356 7.45 -13.13 -11.80
CA VAL B 356 7.09 -12.22 -10.72
C VAL B 356 6.93 -12.97 -9.43
N PHE B 357 7.72 -12.65 -8.44
CA PHE B 357 7.71 -13.32 -7.15
C PHE B 357 7.09 -12.34 -6.18
N CYS B 358 6.01 -12.73 -5.53
CA CYS B 358 5.26 -11.80 -4.70
C CYS B 358 4.40 -12.53 -3.64
N THR B 359 4.29 -11.97 -2.41
CA THR B 359 3.41 -12.56 -1.39
C THR B 359 1.93 -12.31 -1.80
N VAL B 360 0.99 -13.10 -1.27
CA VAL B 360 -0.42 -12.94 -1.61
C VAL B 360 -0.96 -11.51 -1.34
N ASN B 361 -0.76 -10.93 -0.13
CA ASN B 361 -1.32 -9.59 0.17
C ASN B 361 -0.70 -8.41 -0.59
N ALA B 362 0.37 -8.67 -1.34
CA ALA B 362 1.01 -7.63 -2.15
C ALA B 362 0.73 -7.80 -3.67
N LEU B 363 0.05 -8.88 -4.08
CA LEU B 363 -0.21 -9.17 -5.49
C LEU B 363 -0.86 -8.05 -6.23
N PRO B 364 -0.29 -7.68 -7.37
CA PRO B 364 -0.94 -6.69 -8.22
C PRO B 364 -2.04 -7.35 -9.07
N GLU B 365 -2.82 -6.52 -9.74
CA GLU B 365 -3.87 -7.03 -10.61
C GLU B 365 -3.25 -7.24 -11.96
N THR B 366 -3.03 -8.51 -12.30
CA THR B 366 -2.36 -8.89 -13.54
C THR B 366 -2.84 -10.27 -14.07
N THR B 367 -2.32 -10.66 -15.23
CA THR B 367 -2.54 -11.93 -15.86
C THR B 367 -1.24 -12.73 -15.87
N ALA B 368 -1.36 -14.04 -16.07
CA ALA B 368 -0.20 -14.93 -16.13
C ALA B 368 -0.55 -16.16 -16.97
N ASP B 369 0.47 -16.85 -17.50
CA ASP B 369 0.23 -18.10 -18.21
C ASP B 369 0.13 -19.21 -17.13
N ILE B 370 0.96 -19.13 -16.08
CA ILE B 370 0.95 -20.02 -14.93
C ILE B 370 1.04 -19.17 -13.66
N VAL B 371 0.28 -19.55 -12.65
CA VAL B 371 0.40 -18.97 -11.33
C VAL B 371 0.86 -20.16 -10.45
N VAL B 372 1.98 -20.01 -9.73
CA VAL B 372 2.45 -21.08 -8.84
C VAL B 372 2.23 -20.56 -7.41
N PHE B 373 1.36 -21.22 -6.61
CA PHE B 373 1.10 -20.87 -5.21
C PHE B 373 1.79 -21.95 -4.38
N ASP B 374 2.86 -21.58 -3.67
CA ASP B 374 3.63 -22.51 -2.86
C ASP B 374 3.23 -22.45 -1.38
N GLU B 375 3.64 -23.51 -0.61
CA GLU B 375 3.36 -23.72 0.81
C GLU B 375 1.84 -23.61 1.05
N ILE B 376 1.06 -24.42 0.31
CA ILE B 376 -0.40 -24.40 0.27
C ILE B 376 -1.05 -24.79 1.61
N SER B 377 -0.41 -25.62 2.47
CA SER B 377 -1.00 -25.92 3.78
C SER B 377 -1.07 -24.64 4.65
N MET B 378 -0.17 -23.64 4.41
CA MET B 378 -0.18 -22.37 5.16
C MET B 378 -1.22 -21.36 4.67
N ALA B 379 -1.85 -21.61 3.51
CA ALA B 379 -2.87 -20.71 2.99
C ALA B 379 -4.20 -20.91 3.72
N THR B 380 -4.96 -19.83 3.79
CA THR B 380 -6.32 -19.87 4.30
C THR B 380 -7.22 -19.73 3.04
N ASN B 381 -8.52 -19.91 3.21
CA ASN B 381 -9.45 -19.67 2.10
C ASN B 381 -9.48 -18.21 1.70
N TYR B 382 -9.16 -17.30 2.65
CA TYR B 382 -9.05 -15.90 2.40
C TYR B 382 -7.95 -15.63 1.36
N ASP B 383 -6.78 -16.24 1.55
CA ASP B 383 -5.63 -16.18 0.64
C ASP B 383 -5.95 -16.81 -0.74
N LEU B 384 -6.58 -17.99 -0.76
CA LEU B 384 -6.98 -18.68 -2.00
C LEU B 384 -7.84 -17.75 -2.86
N SER B 385 -8.78 -17.05 -2.21
CA SER B 385 -9.71 -16.11 -2.86
C SER B 385 -9.00 -14.85 -3.37
N VAL B 386 -8.06 -14.30 -2.58
CA VAL B 386 -7.35 -13.09 -2.98
C VAL B 386 -6.52 -13.38 -4.24
N VAL B 387 -5.87 -14.56 -4.29
CA VAL B 387 -5.09 -14.94 -5.48
C VAL B 387 -5.99 -15.01 -6.72
N ASN B 388 -7.18 -15.64 -6.61
CA ASN B 388 -8.08 -15.72 -7.77
C ASN B 388 -8.60 -14.33 -8.20
N ALA B 389 -8.68 -13.36 -7.28
CA ALA B 389 -9.15 -11.99 -7.53
C ALA B 389 -8.08 -11.09 -8.16
N ARG B 390 -6.82 -11.28 -7.74
CA ARG B 390 -5.73 -10.46 -8.21
C ARG B 390 -5.12 -10.97 -9.52
N LEU B 391 -5.05 -12.32 -9.68
CA LEU B 391 -4.41 -13.01 -10.82
C LEU B 391 -5.38 -13.81 -11.72
N ARG B 392 -5.44 -13.45 -13.01
CA ARG B 392 -6.23 -14.19 -13.98
C ARG B 392 -5.22 -15.00 -14.84
N ALA B 393 -5.16 -16.33 -14.65
CA ALA B 393 -4.17 -17.16 -15.31
C ALA B 393 -4.73 -18.32 -16.17
N LYS B 394 -3.94 -18.82 -17.16
CA LYS B 394 -4.34 -19.95 -17.97
C LYS B 394 -4.30 -21.24 -17.11
N HIS B 395 -3.30 -21.33 -16.18
CA HIS B 395 -3.06 -22.46 -15.29
C HIS B 395 -2.67 -22.00 -13.90
N TYR B 396 -3.11 -22.74 -12.87
CA TYR B 396 -2.83 -22.46 -11.47
C TYR B 396 -2.26 -23.72 -10.87
N VAL B 397 -1.07 -23.66 -10.26
CA VAL B 397 -0.48 -24.85 -9.63
C VAL B 397 -0.34 -24.58 -8.14
N TYR B 398 -0.94 -25.44 -7.33
CA TYR B 398 -0.94 -25.30 -5.90
C TYR B 398 0.02 -26.31 -5.37
N ILE B 399 1.10 -25.85 -4.75
CA ILE B 399 2.16 -26.71 -4.23
C ILE B 399 2.27 -26.61 -2.72
N GLY B 400 2.44 -27.76 -2.08
CA GLY B 400 2.56 -27.81 -0.63
C GLY B 400 2.38 -29.21 -0.14
N ASP B 401 1.89 -29.36 1.09
CA ASP B 401 1.74 -30.68 1.66
C ASP B 401 0.73 -30.61 2.81
N PRO B 402 -0.47 -31.27 2.65
CA PRO B 402 -1.48 -31.21 3.74
C PRO B 402 -1.04 -31.97 5.00
N ALA B 403 0.12 -32.66 4.96
CA ALA B 403 0.74 -33.35 6.10
C ALA B 403 1.73 -32.43 6.85
N GLN B 404 1.90 -31.18 6.40
CA GLN B 404 2.69 -30.18 7.11
C GLN B 404 1.77 -29.17 7.82
N LEU B 405 2.35 -28.22 8.54
CA LEU B 405 1.59 -27.30 9.36
C LEU B 405 0.73 -26.25 8.60
N PRO B 406 -0.49 -26.03 9.14
CA PRO B 406 -1.38 -25.02 8.54
C PRO B 406 -1.14 -23.64 9.12
N ALA B 407 -1.86 -22.61 8.64
CA ALA B 407 -1.78 -21.26 9.22
C ALA B 407 -2.31 -21.35 10.65
N PRO B 408 -1.67 -20.68 11.61
CA PRO B 408 -2.18 -20.72 12.99
C PRO B 408 -3.58 -20.11 13.03
N ARG B 409 -4.50 -20.79 13.71
CA ARG B 409 -5.83 -20.27 13.89
C ARG B 409 -5.88 -19.82 15.34
N THR B 410 -5.46 -18.55 15.57
CA THR B 410 -5.36 -17.95 16.90
C THR B 410 -6.59 -18.11 17.74
N LEU B 411 -7.79 -18.13 17.13
CA LEU B 411 -9.03 -18.25 17.89
C LEU B 411 -9.39 -19.68 18.22
N LEU B 412 -8.94 -20.66 17.42
CA LEU B 412 -9.29 -22.06 17.62
C LEU B 412 -8.64 -22.67 18.87
N THR B 413 -9.47 -23.03 19.86
CA THR B 413 -9.00 -23.61 21.13
C THR B 413 -9.67 -24.95 21.47
N LYS B 414 -10.79 -25.27 20.82
CA LYS B 414 -11.51 -26.52 21.10
C LYS B 414 -11.59 -27.37 19.85
N GLY B 415 -11.04 -28.56 19.92
CA GLY B 415 -11.04 -29.48 18.79
C GLY B 415 -9.78 -29.33 17.96
N THR B 416 -9.51 -30.33 17.13
CA THR B 416 -8.33 -30.30 16.27
C THR B 416 -8.76 -30.11 14.84
N LEU B 417 -8.12 -29.17 14.12
CA LEU B 417 -8.40 -28.93 12.70
C LEU B 417 -7.71 -29.97 11.81
N GLU B 418 -8.46 -30.86 11.15
CA GLU B 418 -7.85 -31.87 10.27
C GLU B 418 -7.36 -31.27 8.93
N PRO B 419 -6.30 -31.86 8.28
CA PRO B 419 -5.79 -31.34 6.99
C PRO B 419 -6.82 -31.03 5.90
N GLU B 420 -7.90 -31.86 5.77
CA GLU B 420 -8.96 -31.58 4.78
C GLU B 420 -9.75 -30.29 5.04
N TYR B 421 -9.48 -29.61 6.15
CA TYR B 421 -10.16 -28.40 6.52
C TYR B 421 -9.25 -27.13 6.57
N PHE B 422 -7.96 -27.27 6.20
CA PHE B 422 -6.98 -26.18 6.20
C PHE B 422 -7.45 -25.12 5.20
N ASN B 423 -7.77 -25.55 3.99
CA ASN B 423 -8.27 -24.69 2.94
C ASN B 423 -8.89 -25.58 1.81
N SER B 424 -9.43 -24.96 0.74
CA SER B 424 -10.07 -25.69 -0.34
C SER B 424 -9.12 -26.64 -1.07
N VAL B 425 -7.84 -26.22 -1.26
CA VAL B 425 -6.82 -27.04 -1.93
C VAL B 425 -6.49 -28.25 -1.08
N CYS B 426 -6.29 -28.04 0.22
CA CYS B 426 -6.00 -29.15 1.12
C CYS B 426 -7.18 -30.09 1.22
N ARG B 427 -8.41 -29.56 1.13
CA ARG B 427 -9.63 -30.37 1.13
C ARG B 427 -9.61 -31.29 -0.08
N LEU B 428 -9.25 -30.77 -1.25
CA LEU B 428 -9.11 -31.59 -2.46
C LEU B 428 -8.03 -32.64 -2.33
N MET B 429 -6.80 -32.29 -1.87
CA MET B 429 -5.66 -33.22 -1.73
C MET B 429 -5.93 -34.38 -0.77
N LYS B 430 -6.85 -34.18 0.16
CA LYS B 430 -7.18 -35.21 1.16
C LYS B 430 -8.40 -36.05 0.75
N THR B 431 -9.27 -35.53 -0.13
CA THR B 431 -10.48 -36.22 -0.56
C THR B 431 -10.27 -36.96 -1.91
N ILE B 432 -10.11 -36.22 -3.04
CA ILE B 432 -9.83 -36.81 -4.38
C ILE B 432 -8.33 -37.19 -4.58
N GLY B 433 -7.45 -36.69 -3.69
CA GLY B 433 -6.01 -36.89 -3.80
C GLY B 433 -5.35 -35.77 -4.58
N PRO B 434 -4.02 -35.61 -4.47
CA PRO B 434 -3.35 -34.57 -5.26
C PRO B 434 -3.14 -35.05 -6.69
N ASP B 435 -3.14 -34.10 -7.63
CA ASP B 435 -2.90 -34.44 -9.03
C ASP B 435 -1.46 -35.00 -9.20
N MET B 436 -0.52 -34.40 -8.46
CA MET B 436 0.87 -34.79 -8.57
C MET B 436 1.46 -35.00 -7.21
N PHE B 437 2.34 -35.99 -7.11
CA PHE B 437 3.00 -36.32 -5.85
C PHE B 437 4.53 -36.56 -6.04
N LEU B 438 5.39 -35.79 -5.30
CA LEU B 438 6.86 -35.98 -5.33
C LEU B 438 7.14 -37.06 -4.30
N GLY B 439 7.38 -38.28 -4.77
CA GLY B 439 7.50 -39.45 -3.93
C GLY B 439 8.86 -39.87 -3.45
N THR B 440 9.91 -39.05 -3.69
CA THR B 440 11.24 -39.41 -3.20
C THR B 440 11.84 -38.31 -2.34
N CYS B 441 12.07 -38.64 -1.07
CA CYS B 441 12.65 -37.73 -0.10
C CYS B 441 14.15 -37.85 -0.19
N ARG B 442 14.83 -36.77 -0.60
CA ARG B 442 16.29 -36.76 -0.72
C ARG B 442 17.01 -36.25 0.53
N ARG B 443 16.28 -35.70 1.50
CA ARG B 443 16.89 -35.11 2.67
C ARG B 443 17.17 -36.06 3.83
N CYS B 444 16.17 -36.83 4.23
CA CYS B 444 16.21 -37.57 5.48
C CYS B 444 16.79 -38.94 5.40
N PRO B 445 17.47 -39.38 6.50
CA PRO B 445 17.91 -40.78 6.57
C PRO B 445 16.67 -41.70 6.51
N ALA B 446 16.79 -42.89 5.92
CA ALA B 446 15.66 -43.79 5.74
C ALA B 446 14.80 -44.03 7.00
N GLU B 447 15.35 -44.11 8.23
CA GLU B 447 14.53 -44.31 9.46
C GLU B 447 13.40 -43.28 9.58
N ILE B 448 13.70 -41.99 9.29
CA ILE B 448 12.76 -40.88 9.32
C ILE B 448 11.79 -40.97 8.15
N VAL B 449 12.30 -41.27 6.95
CA VAL B 449 11.43 -41.39 5.77
C VAL B 449 10.39 -42.53 5.95
N ASP B 450 10.83 -43.68 6.49
CA ASP B 450 9.95 -44.83 6.72
C ASP B 450 8.89 -44.53 7.78
N THR B 451 9.24 -43.71 8.81
CA THR B 451 8.33 -43.32 9.87
C THR B 451 7.24 -42.41 9.35
N VAL B 452 7.59 -41.32 8.64
CA VAL B 452 6.59 -40.37 8.16
C VAL B 452 5.82 -40.94 6.96
N SER B 453 6.43 -41.84 6.16
CA SER B 453 5.75 -42.50 5.06
C SER B 453 4.52 -43.28 5.61
N ALA B 454 4.73 -44.10 6.66
CA ALA B 454 3.65 -44.85 7.29
C ALA B 454 2.69 -43.93 8.05
N LEU B 455 3.23 -42.94 8.78
CA LEU B 455 2.44 -42.00 9.57
C LEU B 455 1.48 -41.10 8.78
N VAL B 456 1.95 -40.37 7.76
CA VAL B 456 1.09 -39.40 7.08
C VAL B 456 1.03 -39.55 5.53
N TYR B 457 1.87 -40.39 4.91
CA TYR B 457 1.92 -40.49 3.43
C TYR B 457 1.42 -41.78 2.84
N ASP B 458 0.67 -42.60 3.60
CA ASP B 458 0.11 -43.87 3.11
C ASP B 458 1.14 -44.82 2.48
N ASN B 459 2.38 -44.83 3.01
CA ASN B 459 3.50 -45.65 2.53
C ASN B 459 3.96 -45.34 1.12
N LYS B 460 3.65 -44.14 0.62
CA LYS B 460 4.02 -43.72 -0.73
C LYS B 460 5.30 -42.90 -0.79
N LEU B 461 5.82 -42.43 0.36
CA LEU B 461 7.06 -41.66 0.37
C LEU B 461 8.20 -42.66 0.43
N LYS B 462 9.17 -42.50 -0.48
CA LYS B 462 10.33 -43.37 -0.55
C LYS B 462 11.62 -42.64 -0.13
N ALA B 463 12.59 -43.38 0.43
CA ALA B 463 13.83 -42.77 0.87
C ALA B 463 14.86 -42.86 -0.21
N HIS B 464 15.57 -41.76 -0.44
CA HIS B 464 16.68 -41.74 -1.38
C HIS B 464 17.97 -42.13 -0.59
N LYS B 465 18.17 -41.58 0.61
CA LYS B 465 19.31 -41.91 1.46
C LYS B 465 19.10 -43.29 2.12
N ASP B 466 20.19 -43.91 2.55
CA ASP B 466 20.10 -45.16 3.30
C ASP B 466 19.78 -44.79 4.78
N LYS B 467 19.58 -45.81 5.65
CA LYS B 467 19.41 -45.59 7.08
C LYS B 467 20.76 -45.02 7.59
N SER B 468 20.71 -43.92 8.35
CA SER B 468 21.91 -43.29 8.87
C SER B 468 22.47 -44.00 10.13
N ALA B 469 21.63 -44.80 10.84
CA ALA B 469 21.93 -45.44 12.13
C ALA B 469 22.23 -44.38 13.22
N GLN B 470 21.71 -43.16 13.03
CA GLN B 470 21.87 -42.04 13.91
C GLN B 470 20.52 -41.41 14.28
N CYS B 471 19.43 -42.21 14.27
CA CYS B 471 18.08 -41.78 14.60
C CYS B 471 17.69 -42.56 15.84
N PHE B 472 17.60 -41.84 16.97
CA PHE B 472 17.33 -42.38 18.29
C PHE B 472 16.04 -41.86 18.89
N LYS B 473 15.45 -42.66 19.77
CA LYS B 473 14.22 -42.34 20.46
C LYS B 473 14.30 -42.76 21.94
N MET B 474 13.85 -41.90 22.83
N MET B 474 13.86 -41.90 22.84
CA MET B 474 13.79 -42.23 24.25
CA MET B 474 13.83 -42.21 24.26
C MET B 474 12.41 -41.97 24.74
C MET B 474 12.45 -41.94 24.78
N PHE B 475 11.91 -42.85 25.58
CA PHE B 475 10.62 -42.66 26.18
C PHE B 475 10.92 -42.07 27.59
N TYR B 476 10.61 -40.77 27.79
CA TYR B 476 10.92 -40.10 29.05
C TYR B 476 9.91 -38.95 29.34
N LYS B 477 8.93 -39.20 30.24
CA LYS B 477 7.91 -38.17 30.51
C LYS B 477 8.40 -36.95 31.29
N GLY B 478 9.39 -37.13 32.15
CA GLY B 478 9.97 -36.03 32.93
C GLY B 478 9.00 -35.30 33.83
N VAL B 479 9.12 -33.96 33.88
CA VAL B 479 8.27 -33.09 34.69
C VAL B 479 7.79 -31.93 33.86
N ILE B 480 6.47 -31.72 33.83
CA ILE B 480 5.92 -30.64 33.05
C ILE B 480 5.55 -29.46 33.88
N THR B 481 6.26 -28.38 33.64
CA THR B 481 5.95 -27.12 34.28
C THR B 481 5.29 -26.24 33.21
N HIS B 482 4.35 -25.41 33.67
CA HIS B 482 3.58 -24.54 32.82
C HIS B 482 3.80 -23.11 33.26
N ASP B 483 3.94 -22.23 32.29
CA ASP B 483 3.97 -20.81 32.56
C ASP B 483 2.74 -20.17 31.88
N VAL B 484 2.67 -18.83 31.83
CA VAL B 484 1.56 -18.06 31.24
C VAL B 484 0.86 -18.72 29.99
N SER B 485 1.64 -19.22 29.01
CA SER B 485 1.07 -19.78 27.79
C SER B 485 1.94 -20.84 27.11
N SER B 486 2.77 -21.57 27.88
CA SER B 486 3.67 -22.55 27.29
C SER B 486 4.04 -23.69 28.28
N ALA B 487 4.75 -24.72 27.81
CA ALA B 487 5.20 -25.82 28.67
C ALA B 487 6.75 -25.97 28.64
N ILE B 488 7.27 -26.45 29.74
CA ILE B 488 8.70 -26.72 29.94
C ILE B 488 8.80 -28.12 30.54
N ASN B 489 9.86 -28.84 30.13
CA ASN B 489 10.19 -30.16 30.67
C ASN B 489 11.69 -30.14 30.91
N ARG B 490 12.10 -29.64 32.09
CA ARG B 490 13.51 -29.59 32.46
C ARG B 490 14.16 -30.99 32.49
N PRO B 491 13.53 -32.05 33.02
CA PRO B 491 14.17 -33.38 32.98
C PRO B 491 14.40 -33.89 31.56
N GLN B 492 13.55 -33.52 30.57
CA GLN B 492 13.81 -33.91 29.17
C GLN B 492 15.03 -33.18 28.61
N ILE B 493 15.25 -31.91 29.01
CA ILE B 493 16.46 -31.14 28.64
C ILE B 493 17.68 -31.73 29.40
N GLY B 494 17.47 -32.24 30.60
CA GLY B 494 18.51 -32.89 31.39
C GLY B 494 19.00 -34.17 30.73
N VAL B 495 18.07 -34.94 30.17
CA VAL B 495 18.40 -36.16 29.45
C VAL B 495 19.25 -35.82 28.20
N VAL B 496 18.93 -34.71 27.50
CA VAL B 496 19.64 -34.22 26.32
C VAL B 496 21.05 -33.80 26.69
N ARG B 497 21.19 -33.07 27.79
CA ARG B 497 22.47 -32.60 28.33
C ARG B 497 23.38 -33.80 28.62
N GLU B 498 22.83 -34.88 29.22
CA GLU B 498 23.52 -36.14 29.53
C GLU B 498 23.98 -36.84 28.25
N PHE B 499 23.11 -36.85 27.22
CA PHE B 499 23.38 -37.44 25.92
C PHE B 499 24.50 -36.66 25.20
N LEU B 500 24.46 -35.32 25.26
CA LEU B 500 25.45 -34.47 24.62
C LEU B 500 26.86 -34.70 25.19
N THR B 501 26.99 -34.98 26.52
CA THR B 501 28.29 -35.23 27.11
C THR B 501 28.89 -36.55 26.57
N ARG B 502 28.05 -37.55 26.35
CA ARG B 502 28.48 -38.82 25.80
C ARG B 502 28.57 -38.83 24.26
N ASN B 503 27.96 -37.85 23.57
CA ASN B 503 27.86 -37.76 22.10
C ASN B 503 28.19 -36.36 21.64
N PRO B 504 29.41 -35.89 21.89
CA PRO B 504 29.76 -34.51 21.53
C PRO B 504 29.64 -34.16 20.05
N ALA B 505 29.58 -35.14 19.15
CA ALA B 505 29.34 -34.87 17.72
C ALA B 505 28.00 -34.11 17.53
N TRP B 506 27.03 -34.39 18.40
CA TRP B 506 25.70 -33.75 18.38
C TRP B 506 25.70 -32.33 18.93
N ARG B 507 26.85 -31.76 19.34
CA ARG B 507 26.84 -30.37 19.80
C ARG B 507 26.54 -29.41 18.61
N LYS B 508 26.67 -29.89 17.37
CA LYS B 508 26.27 -29.15 16.18
C LYS B 508 24.72 -29.26 15.89
N ALA B 509 23.95 -29.93 16.77
CA ALA B 509 22.51 -30.12 16.57
C ALA B 509 21.68 -28.88 16.83
N VAL B 510 20.54 -28.80 16.12
CA VAL B 510 19.52 -27.81 16.37
C VAL B 510 18.51 -28.45 17.32
N PHE B 511 18.15 -27.72 18.39
CA PHE B 511 17.19 -28.16 19.39
C PHE B 511 15.78 -27.72 18.91
N ILE B 512 14.85 -28.67 18.84
CA ILE B 512 13.49 -28.41 18.44
C ILE B 512 12.48 -28.95 19.49
N SER B 513 11.45 -28.18 19.80
CA SER B 513 10.38 -28.61 20.69
C SER B 513 9.08 -27.94 20.23
N PRO B 514 7.91 -28.43 20.67
CA PRO B 514 6.65 -27.76 20.30
C PRO B 514 6.35 -26.48 21.09
N TYR B 515 7.20 -26.10 22.07
CA TYR B 515 6.99 -24.93 22.94
C TYR B 515 8.17 -23.98 23.00
N ASN B 516 7.92 -22.68 22.84
CA ASN B 516 8.99 -21.70 22.87
C ASN B 516 9.59 -21.51 24.27
N SER B 517 8.84 -21.81 25.35
CA SER B 517 9.39 -21.71 26.69
C SER B 517 10.35 -22.84 26.97
N GLN B 518 10.07 -24.04 26.45
CA GLN B 518 10.97 -25.19 26.54
C GLN B 518 12.31 -24.84 25.81
N ASN B 519 12.20 -24.23 24.63
CA ASN B 519 13.29 -23.79 23.76
C ASN B 519 14.18 -22.79 24.48
N ALA B 520 13.59 -21.81 25.20
CA ALA B 520 14.33 -20.79 25.94
C ALA B 520 15.17 -21.44 27.05
N VAL B 521 14.56 -22.42 27.76
CA VAL B 521 15.27 -23.16 28.81
C VAL B 521 16.42 -23.98 28.20
N ALA B 522 16.17 -24.69 27.08
CA ALA B 522 17.18 -25.51 26.41
C ALA B 522 18.31 -24.66 25.82
N SER B 523 18.04 -23.41 25.42
CA SER B 523 19.06 -22.55 24.87
C SER B 523 20.09 -22.19 25.93
N LYS B 524 19.63 -21.88 27.15
CA LYS B 524 20.49 -21.52 28.27
C LYS B 524 21.25 -22.74 28.83
N ILE B 525 20.58 -23.88 28.96
CA ILE B 525 21.19 -25.10 29.49
C ILE B 525 22.08 -25.84 28.50
N LEU B 526 21.65 -25.99 27.24
CA LEU B 526 22.42 -26.73 26.23
C LEU B 526 23.30 -25.85 25.36
N GLY B 527 22.86 -24.64 25.12
CA GLY B 527 23.59 -23.73 24.25
C GLY B 527 23.37 -23.98 22.77
N LEU B 528 22.55 -25.00 22.42
CA LEU B 528 22.21 -25.34 21.03
C LEU B 528 21.30 -24.28 20.46
N PRO B 529 21.37 -24.02 19.12
CA PRO B 529 20.38 -23.14 18.49
C PRO B 529 18.99 -23.80 18.58
N THR B 530 17.92 -22.99 18.73
CA THR B 530 16.58 -23.54 18.91
C THR B 530 15.55 -23.04 17.87
N GLN B 531 14.56 -23.89 17.62
CA GLN B 531 13.42 -23.65 16.75
C GLN B 531 12.23 -24.36 17.33
N THR B 532 11.07 -23.74 17.22
CA THR B 532 9.83 -24.44 17.55
C THR B 532 9.57 -25.27 16.30
N VAL B 533 8.74 -26.32 16.41
CA VAL B 533 8.39 -27.12 15.22
C VAL B 533 7.80 -26.22 14.08
N ASP B 534 6.91 -25.29 14.46
CA ASP B 534 6.25 -24.37 13.55
C ASP B 534 7.24 -23.42 12.84
N SER B 535 8.29 -22.95 13.53
CA SER B 535 9.30 -22.10 12.86
C SER B 535 10.39 -22.91 12.10
N SER B 536 10.49 -24.22 12.36
CA SER B 536 11.45 -25.07 11.66
C SER B 536 10.96 -25.49 10.25
N GLN B 537 9.64 -25.38 9.97
CA GLN B 537 9.01 -25.75 8.69
C GLN B 537 9.72 -25.04 7.53
N GLY B 538 10.14 -25.84 6.54
CA GLY B 538 10.89 -25.35 5.39
C GLY B 538 12.40 -25.40 5.52
N SER B 539 12.91 -25.51 6.76
CA SER B 539 14.36 -25.56 7.07
C SER B 539 14.88 -27.00 7.24
N GLU B 540 16.19 -27.19 7.07
CA GLU B 540 16.81 -28.50 7.28
C GLU B 540 18.10 -28.33 8.02
N TYR B 541 18.44 -29.33 8.83
CA TYR B 541 19.62 -29.33 9.70
C TYR B 541 20.21 -30.76 9.70
N ASP B 542 21.55 -30.92 9.77
CA ASP B 542 22.18 -32.24 9.79
C ASP B 542 21.70 -33.05 11.00
N TYR B 543 21.69 -32.40 12.16
CA TYR B 543 21.29 -33.06 13.38
C TYR B 543 20.19 -32.33 14.07
N VAL B 544 19.21 -33.07 14.57
CA VAL B 544 18.07 -32.49 15.26
C VAL B 544 17.92 -33.18 16.61
N ILE B 545 17.65 -32.41 17.64
CA ILE B 545 17.32 -32.96 18.94
C ILE B 545 15.94 -32.45 19.26
N PHE B 546 14.99 -33.35 19.38
CA PHE B 546 13.60 -32.99 19.61
C PHE B 546 13.14 -33.46 20.97
N THR B 547 12.62 -32.54 21.83
CA THR B 547 11.98 -32.96 23.09
C THR B 547 10.47 -32.71 22.91
N GLN B 548 9.63 -33.74 23.04
CA GLN B 548 8.20 -33.58 22.88
C GLN B 548 7.59 -32.65 23.94
N THR B 549 8.23 -32.53 25.12
CA THR B 549 7.82 -31.69 26.28
C THR B 549 6.52 -32.23 26.99
N THR B 550 5.39 -32.30 26.27
CA THR B 550 4.11 -32.76 26.82
C THR B 550 3.50 -33.90 25.94
N GLU B 551 2.37 -34.51 26.39
CA GLU B 551 1.61 -35.46 25.56
C GLU B 551 0.28 -34.81 25.14
N THR B 552 0.22 -33.48 25.02
CA THR B 552 -0.99 -32.75 24.64
C THR B 552 -1.43 -33.02 23.17
N ALA B 553 -2.58 -32.50 22.76
CA ALA B 553 -3.03 -32.56 21.38
C ALA B 553 -2.05 -31.76 20.47
N HIS B 554 -1.45 -30.66 20.99
CA HIS B 554 -0.48 -29.81 20.29
C HIS B 554 0.84 -30.56 20.01
N SER B 555 1.44 -31.16 21.05
CA SER B 555 2.68 -31.85 20.89
C SER B 555 2.53 -33.19 20.18
N CYS B 556 1.29 -33.79 20.15
CA CYS B 556 1.01 -35.02 19.41
C CYS B 556 0.40 -34.77 18.04
N ASN B 557 0.26 -33.53 17.61
CA ASN B 557 -0.34 -33.28 16.25
C ASN B 557 0.54 -34.00 15.21
N VAL B 558 -0.03 -34.96 14.43
CA VAL B 558 0.80 -35.79 13.56
C VAL B 558 1.53 -34.95 12.51
N ASN B 559 0.94 -33.82 12.10
CA ASN B 559 1.52 -32.90 11.11
C ASN B 559 2.72 -32.17 11.69
N ARG B 560 2.60 -31.74 12.97
CA ARG B 560 3.68 -31.08 13.68
C ARG B 560 4.81 -32.13 13.90
N PHE B 561 4.43 -33.35 14.27
CA PHE B 561 5.37 -34.43 14.48
C PHE B 561 6.15 -34.77 13.22
N ASN B 562 5.44 -34.78 12.07
CA ASN B 562 5.97 -35.03 10.73
C ASN B 562 7.00 -33.94 10.42
N VAL B 563 6.68 -32.63 10.65
CA VAL B 563 7.59 -31.52 10.39
C VAL B 563 8.83 -31.61 11.33
N ALA B 564 8.61 -31.92 12.60
CA ALA B 564 9.69 -32.01 13.56
C ALA B 564 10.78 -33.02 13.16
N ILE B 565 10.39 -34.25 12.83
CA ILE B 565 11.37 -35.27 12.53
C ILE B 565 11.93 -35.17 11.10
N THR B 566 11.23 -34.53 10.15
CA THR B 566 11.74 -34.39 8.76
C THR B 566 12.67 -33.18 8.57
N ARG B 567 13.13 -32.55 9.67
CA ARG B 567 14.08 -31.42 9.57
C ARG B 567 15.53 -31.95 9.42
N ALA B 568 15.81 -33.17 9.92
CA ALA B 568 17.10 -33.91 9.96
C ALA B 568 17.57 -34.53 8.64
N LYS B 569 18.80 -34.18 8.30
CA LYS B 569 19.51 -34.69 7.13
C LYS B 569 20.31 -35.95 7.51
N VAL B 570 20.86 -36.01 8.71
CA VAL B 570 21.73 -37.11 9.13
C VAL B 570 21.20 -37.88 10.37
N GLY B 571 21.01 -37.19 11.49
CA GLY B 571 20.60 -37.81 12.73
C GLY B 571 19.58 -37.02 13.50
N ILE B 572 18.83 -37.74 14.35
CA ILE B 572 17.82 -37.17 15.19
C ILE B 572 17.74 -37.93 16.53
N LEU B 573 17.55 -37.18 17.60
CA LEU B 573 17.33 -37.76 18.92
C LEU B 573 15.93 -37.26 19.31
N CYS B 574 14.95 -38.17 19.47
CA CYS B 574 13.60 -37.77 19.90
C CYS B 574 13.41 -38.17 21.33
N ILE B 575 13.17 -37.20 22.25
CA ILE B 575 12.84 -37.50 23.64
C ILE B 575 11.34 -37.34 23.69
N MET B 576 10.64 -38.47 23.72
CA MET B 576 9.19 -38.61 23.64
C MET B 576 8.45 -38.71 24.95
N SER B 577 7.25 -38.14 24.93
CA SER B 577 6.30 -38.13 26.04
C SER B 577 5.15 -39.09 25.77
N ASP B 578 4.68 -39.12 24.51
CA ASP B 578 3.56 -39.91 24.00
C ASP B 578 4.01 -41.31 23.59
N ARG B 579 3.48 -42.38 24.23
CA ARG B 579 3.78 -43.77 23.89
C ARG B 579 3.43 -44.10 22.45
N ASP B 580 2.33 -43.55 21.96
CA ASP B 580 1.83 -43.73 20.60
C ASP B 580 2.89 -43.34 19.52
N LEU B 581 3.26 -42.05 19.41
CA LEU B 581 4.23 -41.55 18.46
C LEU B 581 5.62 -42.13 18.75
N TYR B 582 5.97 -42.42 20.03
CA TYR B 582 7.24 -43.06 20.34
C TYR B 582 7.29 -44.44 19.63
N ASP B 583 6.21 -45.21 19.72
CA ASP B 583 6.13 -46.55 19.11
C ASP B 583 6.15 -46.48 17.59
N LYS B 584 5.57 -45.41 17.01
CA LYS B 584 5.57 -45.17 15.58
C LYS B 584 6.97 -44.80 15.06
N LEU B 585 7.83 -44.12 15.86
CA LEU B 585 9.19 -43.81 15.44
C LEU B 585 9.98 -45.12 15.19
N GLN B 586 10.47 -45.31 13.93
CA GLN B 586 11.26 -46.46 13.53
C GLN B 586 12.72 -46.09 13.69
N PHE B 587 13.05 -45.78 14.94
CA PHE B 587 14.37 -45.36 15.40
C PHE B 587 14.92 -46.37 16.40
N THR B 588 16.24 -46.30 16.66
CA THR B 588 16.89 -47.12 17.65
C THR B 588 16.52 -46.57 19.02
N SER B 589 15.92 -47.39 19.89
CA SER B 589 15.57 -46.93 21.23
C SER B 589 16.80 -46.86 22.14
N LEU B 590 16.85 -45.83 23.02
CA LEU B 590 17.95 -45.67 23.97
C LEU B 590 17.42 -45.85 25.40
N GLU B 591 18.27 -46.33 26.31
CA GLU B 591 17.89 -46.51 27.70
C GLU B 591 18.02 -45.19 28.49
N ILE B 592 17.19 -45.01 29.51
CA ILE B 592 17.21 -43.81 30.34
C ILE B 592 18.29 -43.90 31.40
N PRO B 593 19.25 -42.96 31.42
CA PRO B 593 20.32 -43.01 32.44
C PRO B 593 19.89 -42.55 33.85
#